data_9N62
#
_entry.id   9N62
#
_cell.length_a   1.00
_cell.length_b   1.00
_cell.length_c   1.00
_cell.angle_alpha   90.00
_cell.angle_beta   90.00
_cell.angle_gamma   90.00
#
_symmetry.space_group_name_H-M   'P 1'
#
loop_
_entity.id
_entity.type
_entity.pdbx_description
1 polymer 'Antigen peptide transporter 1'
2 polymer 'Antigen peptide transporter 2'
3 non-polymer "ADENOSINE-5'-TRIPHOSPHATE"
#
loop_
_entity_poly.entity_id
_entity_poly.type
_entity_poly.pdbx_seq_one_letter_code
_entity_poly.pdbx_strand_id
1 'polypeptide(L)'
;MASSRCPAPRGCRCLPGASLAWLGTVLLLLADWVLLRTALPRIFSLLVPTALPLLRVWAVGLSRWAVLWLGACGVLRATV
GSKSENAGAQGWLAALKPLAAALGLALPGLALFRELISWGAPGSADSTRLLHWGSHPTAFVVSYAAALPAAALWHKLGSL
WVPGGQGGSGNPVRRLLGCLGSETRRLSLFLVLVVLSSLGEMAIPFFTGRLTDWILQDGSADTFTRNLTLMSILTIASAV
LEFVGDGIYNNTMGHVHSHLQGEVFGAVLRQETEFFQQNQTGNIMSRVTEDTSTLSDSLSENLSLFLWYLVRGLCLLGIM
LWGSVSLTMVTLITLPLLFLLPKKVGKWYQLLEVQVRESLAKSSQVAIEALSAMPTVRSFANEEGEAQKFREKLQEIKTL
NQKEAVAYAVNSWTTSISGMLLKVGILYIGGQLVTSGAVSSGNLVTFVLYQMQFTQAVEVLLSIYPRVQKAVGSSEKIFE
YLDRTPRCPPSGLLTPLHLEGLVQFQDVSFAYPNRPDVLVLQGLTFTLRPGEVTALVGPNGSGKSTVAALLQNLYQPTGG
QLLLDGKPLPQYEHRYLHRQVAAVGQEPQVFGRSLQENIAYGLTQKPTMEEITAAAVKSGAHSFISGLPQGYDTEVDEAG
SQLSGGQRQAVALARALIRKPCVLILDDATSALDANSQLQVEQLLYESPERYSRSVLLITQHLSLVEQADHILFLEGGAI
REGGTHQQLMEKKGCYWAMVQAPADAPE
;
A
2 'polypeptide(L)'
;MRLPDLRPWTSLLLVDAALLWLLQGPLGTLLPQGLPGLWLEGTLRLGGLWGLLKLRGLLGFVGTLLLPLCLATPLTVSLR
ALVAGASRAPPARVASAPWSWLLVGYGAAGLSWSLWAVLSPPGAQEKEQDQVNNKVLMWRLLKLSRPDLPLLVAAFFFLV
LAVLGETLIPHYSGRVIDILGGDFDPHAFASAIFFMCLFSFGSSLSAGCRGGCFTYTMSRINLRIREQLFSSLLRQDLGF
FQETKTGELNSRLSSDTTLMSNWLPLNANVLLRSLVKVVGLYGFMLSISPRLTLLSLLHMPFTIAAEKVYNTRHQEVLRE
IQDAVARAGQVVREAVGGLQTVRSFGAEEHEVCRYKEALEQCRQLYWRRDLERALYLLVRRVLHLGVQMLMLSCGLQQMQ
DGELTQGSLLSFMIYQESVGSYVQTLVYIYGDMLSNVGAAEKVFSYMDRQPNLPSPGTLAPTTLQGVVKFQDVSFAYPNR
PDRPVLKGLTFTLRPGEVTALVGPNGSGKSTVAALLQNLYQPTGGQVLLDEKPISQYEHCYLHSQVVSVGQEPVLFSGSV
RNNIAYGLQSCEDDKVMAAAQAAHADDFIQEMEHGIYTDVGEKGSQLAAGQKQRLAIARALVRDPRVLILDEATSALDVQ
CEQALQDWNSRGDRTVLVIAHRLQTVQRAHQILVLQEGKLQKLAQL
;
B
#
loop_
_chem_comp.id
_chem_comp.type
_chem_comp.name
_chem_comp.formula
ATP non-polymer ADENOSINE-5'-TRIPHOSPHATE 'C10 H16 N5 O13 P3'
#
# COMPACT_ATOMS: atom_id res chain seq x y z
N VAL A 173 19.37 7.15 17.82
CA VAL A 173 19.86 6.86 19.16
C VAL A 173 21.36 6.56 19.13
N ARG A 174 21.87 6.04 20.24
CA ARG A 174 23.29 5.71 20.31
C ARG A 174 23.66 4.51 19.46
N ARG A 175 22.68 3.68 19.09
CA ARG A 175 22.97 2.52 18.26
C ARG A 175 23.43 2.92 16.86
N LEU A 176 22.88 4.00 16.31
CA LEU A 176 23.31 4.46 15.00
C LEU A 176 24.77 4.91 15.03
N LEU A 177 25.16 5.65 16.07
CA LEU A 177 26.57 6.02 16.22
C LEU A 177 27.43 4.79 16.44
N GLY A 178 26.93 3.81 17.20
CA GLY A 178 27.70 2.60 17.42
C GLY A 178 27.97 1.83 16.15
N CYS A 179 26.97 1.73 15.27
CA CYS A 179 27.17 1.02 14.01
C CYS A 179 27.87 1.87 12.96
N LEU A 180 27.92 3.20 13.14
CA LEU A 180 28.63 4.07 12.23
C LEU A 180 30.05 4.38 12.65
N GLY A 181 30.45 3.97 13.86
CA GLY A 181 31.78 4.30 14.36
C GLY A 181 32.91 3.59 13.64
N SER A 182 32.66 2.57 12.85
CA SER A 182 33.78 1.82 12.26
C SER A 182 34.38 2.61 11.17
N GLU A 183 33.83 3.79 10.92
CA GLU A 183 34.27 4.63 9.86
C GLU A 183 34.16 5.99 10.38
N THR A 184 35.19 6.46 11.03
CA THR A 184 35.20 7.76 11.53
C THR A 184 36.51 8.24 11.13
N ARG A 185 37.16 7.55 10.28
CA ARG A 185 38.33 8.04 9.58
C ARG A 185 37.95 8.61 8.22
N ARG A 186 37.05 7.93 7.51
CA ARG A 186 36.57 8.45 6.23
C ARG A 186 35.56 9.57 6.41
N LEU A 187 34.75 9.51 7.49
CA LEU A 187 33.76 10.56 7.71
C LEU A 187 34.42 11.91 8.00
N SER A 188 35.54 11.90 8.72
CA SER A 188 36.26 13.16 8.96
C SER A 188 36.76 13.77 7.66
N LEU A 189 37.31 12.94 6.76
CA LEU A 189 37.75 13.44 5.47
C LEU A 189 36.58 13.98 4.66
N PHE A 190 35.44 13.30 4.72
CA PHE A 190 34.25 13.80 4.03
C PHE A 190 33.82 15.16 4.56
N LEU A 191 33.85 15.33 5.89
CA LEU A 191 33.48 16.61 6.48
C LEU A 191 34.43 17.71 6.06
N VAL A 192 35.73 17.41 6.02
CA VAL A 192 36.72 18.40 5.59
C VAL A 192 36.46 18.81 4.15
N LEU A 193 36.20 17.83 3.27
CA LEU A 193 35.90 18.15 1.88
C LEU A 193 34.64 19.00 1.77
N VAL A 194 33.63 18.68 2.58
CA VAL A 194 32.37 19.43 2.53
C VAL A 194 32.59 20.88 2.93
N VAL A 195 33.34 21.11 4.02
CA VAL A 195 33.53 22.49 4.44
C VAL A 195 34.40 23.25 3.45
N LEU A 196 35.39 22.59 2.83
CA LEU A 196 36.19 23.27 1.83
C LEU A 196 35.36 23.65 0.61
N SER A 197 34.51 22.73 0.14
CA SER A 197 33.67 23.03 -1.01
C SER A 197 32.68 24.15 -0.70
N SER A 198 32.09 24.13 0.49
CA SER A 198 31.15 25.18 0.85
C SER A 198 31.85 26.53 0.96
N LEU A 199 33.08 26.56 1.46
CA LEU A 199 33.84 27.80 1.47
C LEU A 199 34.13 28.29 0.06
N GLY A 200 34.49 27.37 -0.84
CA GLY A 200 34.90 27.78 -2.17
C GLY A 200 33.77 28.10 -3.13
N GLU A 201 32.55 27.68 -2.81
CA GLU A 201 31.44 27.84 -3.75
C GLU A 201 30.79 29.22 -3.68
N MET A 202 31.27 30.11 -2.82
CA MET A 202 30.61 31.39 -2.58
C MET A 202 31.43 32.59 -3.04
N ALA A 203 32.48 32.36 -3.82
CA ALA A 203 33.31 33.48 -4.29
C ALA A 203 32.62 34.29 -5.38
N ILE A 204 31.58 33.76 -6.02
CA ILE A 204 30.96 34.46 -7.14
C ILE A 204 30.35 35.80 -6.73
N PRO A 205 29.47 35.88 -5.72
CA PRO A 205 28.91 37.21 -5.39
C PRO A 205 29.93 38.16 -4.82
N PHE A 206 30.87 37.66 -4.01
CA PHE A 206 31.91 38.51 -3.46
C PHE A 206 32.74 39.15 -4.55
N PHE A 207 33.16 38.36 -5.53
CA PHE A 207 33.96 38.91 -6.60
C PHE A 207 33.14 39.78 -7.54
N THR A 208 31.84 39.48 -7.69
CA THR A 208 30.97 40.37 -8.46
C THR A 208 30.93 41.76 -7.84
N GLY A 209 30.70 41.83 -6.54
CA GLY A 209 30.68 43.12 -5.87
C GLY A 209 32.01 43.83 -5.94
N ARG A 210 33.11 43.10 -5.72
CA ARG A 210 34.43 43.72 -5.75
C ARG A 210 34.76 44.28 -7.13
N LEU A 211 34.45 43.52 -8.18
CA LEU A 211 34.78 43.97 -9.53
C LEU A 211 33.90 45.15 -9.95
N THR A 212 32.63 45.13 -9.56
CA THR A 212 31.78 46.28 -9.87
C THR A 212 32.27 47.55 -9.17
N ASP A 213 32.65 47.42 -7.89
CA ASP A 213 33.19 48.57 -7.18
C ASP A 213 34.49 49.05 -7.82
N TRP A 214 35.33 48.12 -8.29
CA TRP A 214 36.55 48.50 -8.98
C TRP A 214 36.25 49.25 -10.28
N ILE A 215 35.22 48.82 -11.01
CA ILE A 215 34.81 49.53 -12.21
C ILE A 215 34.39 50.96 -11.87
N LEU A 216 33.61 51.10 -10.79
CA LEU A 216 33.15 52.43 -10.39
C LEU A 216 34.29 53.34 -9.94
N GLN A 217 35.43 52.77 -9.56
CA GLN A 217 36.60 53.55 -9.18
C GLN A 217 37.62 53.66 -10.30
N ASP A 218 37.26 53.21 -11.51
CA ASP A 218 38.09 53.22 -12.72
C ASP A 218 39.54 52.82 -12.44
N GLY A 219 39.70 51.57 -12.00
CA GLY A 219 41.00 51.02 -11.71
C GLY A 219 41.65 50.39 -12.92
N SER A 220 42.58 49.47 -12.65
CA SER A 220 43.39 48.86 -13.69
C SER A 220 42.70 47.59 -14.22
N ALA A 221 43.42 46.80 -15.01
CA ALA A 221 42.89 45.56 -15.58
C ALA A 221 43.68 44.33 -15.18
N ASP A 222 44.93 44.47 -14.72
CA ASP A 222 45.67 43.31 -14.23
C ASP A 222 44.98 42.68 -13.04
N THR A 223 44.53 43.52 -12.09
CA THR A 223 43.72 43.02 -11.00
C THR A 223 42.43 42.40 -11.50
N PHE A 224 41.88 42.93 -12.60
CA PHE A 224 40.64 42.38 -13.15
C PHE A 224 40.83 40.95 -13.62
N THR A 225 41.85 40.72 -14.46
CA THR A 225 42.07 39.35 -14.95
C THR A 225 42.52 38.44 -13.82
N ARG A 226 43.29 38.96 -12.86
CA ARG A 226 43.68 38.15 -11.71
C ARG A 226 42.47 37.69 -10.91
N ASN A 227 41.53 38.61 -10.65
CA ASN A 227 40.34 38.26 -9.89
C ASN A 227 39.44 37.31 -10.67
N LEU A 228 39.31 37.51 -11.98
CA LEU A 228 38.51 36.58 -12.78
C LEU A 228 39.08 35.17 -12.72
N THR A 229 40.41 35.04 -12.91
CA THR A 229 41.04 33.73 -12.84
C THR A 229 40.89 33.12 -11.45
N LEU A 230 41.04 33.93 -10.41
CA LEU A 230 40.92 33.42 -9.05
C LEU A 230 39.51 32.90 -8.78
N MET A 231 38.48 33.64 -9.20
CA MET A 231 37.11 33.19 -8.96
C MET A 231 36.82 31.91 -9.74
N SER A 232 37.30 31.84 -10.99
CA SER A 232 37.09 30.63 -11.79
C SER A 232 37.75 29.42 -11.13
N ILE A 233 39.00 29.59 -10.67
CA ILE A 233 39.72 28.50 -10.04
C ILE A 233 39.00 28.05 -8.78
N LEU A 234 38.55 29.00 -7.96
CA LEU A 234 37.86 28.66 -6.72
C LEU A 234 36.59 27.88 -6.99
N THR A 235 35.79 28.32 -7.96
CA THR A 235 34.54 27.61 -8.24
C THR A 235 34.79 26.21 -8.79
N ILE A 236 35.79 26.07 -9.68
CA ILE A 236 36.10 24.75 -10.22
C ILE A 236 36.54 23.81 -9.11
N ALA A 237 37.41 24.30 -8.22
CA ALA A 237 37.88 23.46 -7.11
C ALA A 237 36.72 23.08 -6.19
N SER A 238 35.79 24.02 -5.97
CA SER A 238 34.64 23.71 -5.14
C SER A 238 33.80 22.58 -5.73
N ALA A 239 33.54 22.66 -7.05
CA ALA A 239 32.75 21.60 -7.68
C ALA A 239 33.44 20.25 -7.60
N VAL A 240 34.75 20.22 -7.87
CA VAL A 240 35.48 18.96 -7.84
C VAL A 240 35.47 18.36 -6.43
N LEU A 241 35.70 19.21 -5.41
CA LEU A 241 35.71 18.73 -4.04
C LEU A 241 34.34 18.20 -3.63
N GLU A 242 33.27 18.87 -4.06
CA GLU A 242 31.93 18.37 -3.77
C GLU A 242 31.71 16.99 -4.38
N PHE A 243 32.15 16.81 -5.62
CA PHE A 243 32.00 15.51 -6.28
C PHE A 243 32.75 14.41 -5.53
N VAL A 244 33.99 14.70 -5.13
CA VAL A 244 34.79 13.69 -4.43
C VAL A 244 34.17 13.34 -3.08
N GLY A 245 33.73 14.35 -2.33
CA GLY A 245 33.10 14.08 -1.05
C GLY A 245 31.82 13.27 -1.18
N ASP A 246 31.01 13.58 -2.19
CA ASP A 246 29.79 12.82 -2.41
C ASP A 246 30.11 11.37 -2.74
N GLY A 247 31.13 11.13 -3.56
CA GLY A 247 31.53 9.76 -3.85
C GLY A 247 31.95 9.00 -2.61
N ILE A 248 32.77 9.63 -1.77
CA ILE A 248 33.25 8.96 -0.55
C ILE A 248 32.08 8.61 0.36
N TYR A 249 31.17 9.58 0.56
CA TYR A 249 30.03 9.35 1.43
C TYR A 249 29.14 8.23 0.90
N ASN A 250 28.89 8.21 -0.41
CA ASN A 250 28.04 7.17 -0.98
C ASN A 250 28.66 5.80 -0.81
N ASN A 251 29.98 5.69 -1.03
CA ASN A 251 30.66 4.41 -0.86
C ASN A 251 30.53 3.90 0.58
N THR A 252 30.80 4.78 1.55
CA THR A 252 30.72 4.34 2.95
C THR A 252 29.31 3.98 3.34
N MET A 253 28.31 4.74 2.87
CA MET A 253 26.93 4.45 3.21
C MET A 253 26.51 3.10 2.64
N GLY A 254 26.91 2.81 1.40
CA GLY A 254 26.60 1.50 0.83
C GLY A 254 27.22 0.36 1.61
N HIS A 255 28.48 0.54 2.03
CA HIS A 255 29.14 -0.50 2.81
C HIS A 255 28.40 -0.76 4.12
N VAL A 256 28.05 0.31 4.84
CA VAL A 256 27.42 0.10 6.15
C VAL A 256 26.00 -0.43 5.97
N HIS A 257 25.30 -0.07 4.89
CA HIS A 257 23.98 -0.61 4.65
C HIS A 257 24.03 -2.11 4.38
N SER A 258 25.00 -2.55 3.56
CA SER A 258 25.14 -3.97 3.31
C SER A 258 25.47 -4.73 4.59
N HIS A 259 26.36 -4.16 5.41
CA HIS A 259 26.71 -4.81 6.67
C HIS A 259 25.49 -4.94 7.59
N LEU A 260 24.68 -3.88 7.68
CA LEU A 260 23.49 -3.92 8.52
C LEU A 260 22.49 -4.96 8.02
N GLN A 261 22.30 -5.04 6.70
CA GLN A 261 21.37 -6.03 6.16
C GLN A 261 21.83 -7.44 6.48
N GLY A 262 23.12 -7.72 6.29
CA GLY A 262 23.64 -9.03 6.63
C GLY A 262 23.46 -9.35 8.10
N GLU A 263 23.74 -8.38 8.97
CA GLU A 263 23.62 -8.62 10.40
C GLU A 263 22.18 -8.91 10.81
N VAL A 264 21.22 -8.15 10.26
CA VAL A 264 19.83 -8.36 10.67
C VAL A 264 19.32 -9.69 10.15
N PHE A 265 19.73 -10.10 8.94
CA PHE A 265 19.32 -11.43 8.47
C PHE A 265 19.91 -12.53 9.33
N GLY A 266 21.20 -12.40 9.68
CA GLY A 266 21.81 -13.41 10.52
C GLY A 266 21.18 -13.49 11.89
N ALA A 267 20.75 -12.35 12.43
CA ALA A 267 20.06 -12.36 13.72
C ALA A 267 18.69 -12.98 13.61
N VAL A 268 17.98 -12.74 12.50
CA VAL A 268 16.66 -13.32 12.31
C VAL A 268 16.75 -14.84 12.22
N LEU A 269 17.74 -15.34 11.47
CA LEU A 269 17.82 -16.78 11.22
C LEU A 269 18.19 -17.59 12.46
N ARG A 270 18.59 -16.95 13.56
CA ARG A 270 19.02 -17.67 14.75
C ARG A 270 17.89 -17.98 15.72
N GLN A 271 16.67 -17.52 15.44
CA GLN A 271 15.57 -17.73 16.37
C GLN A 271 15.09 -19.19 16.31
N GLU A 272 14.38 -19.58 17.37
CA GLU A 272 13.93 -20.96 17.50
C GLU A 272 12.76 -21.24 16.56
N THR A 273 12.45 -22.53 16.40
CA THR A 273 11.43 -22.96 15.47
C THR A 273 10.04 -22.47 15.85
N GLU A 274 9.80 -22.20 17.14
CA GLU A 274 8.51 -21.69 17.58
C GLU A 274 8.23 -20.31 16.99
N PHE A 275 9.27 -19.51 16.76
CA PHE A 275 9.09 -18.22 16.12
C PHE A 275 8.71 -18.36 14.65
N PHE A 276 9.18 -19.41 13.99
CA PHE A 276 9.02 -19.58 12.56
C PHE A 276 7.84 -20.45 12.17
N GLN A 277 7.25 -21.20 13.10
CA GLN A 277 6.13 -22.06 12.75
C GLN A 277 4.89 -21.27 12.34
N GLN A 278 4.85 -19.98 12.68
CA GLN A 278 3.74 -19.11 12.29
C GLN A 278 3.94 -18.71 10.83
N ASN A 279 3.74 -19.70 9.95
CA ASN A 279 3.93 -19.48 8.51
C ASN A 279 2.90 -18.51 7.94
N GLN A 280 1.75 -18.36 8.60
CA GLN A 280 0.78 -17.35 8.18
C GLN A 280 1.37 -15.94 8.29
N THR A 281 2.33 -15.74 9.20
CA THR A 281 3.07 -14.51 9.31
C THR A 281 4.45 -14.60 8.69
N GLY A 282 4.69 -15.65 7.88
CA GLY A 282 6.02 -15.88 7.34
C GLY A 282 6.54 -14.70 6.53
N ASN A 283 5.70 -14.13 5.66
CA ASN A 283 6.10 -13.00 4.85
C ASN A 283 6.55 -11.81 5.69
N ILE A 284 6.14 -11.75 6.96
CA ILE A 284 6.61 -10.68 7.83
C ILE A 284 8.13 -10.69 7.92
N MET A 285 8.72 -11.86 8.19
CA MET A 285 10.18 -11.88 8.19
C MET A 285 10.75 -11.95 6.78
N SER A 286 9.91 -12.08 5.76
CA SER A 286 10.34 -11.85 4.39
C SER A 286 10.15 -10.40 3.99
N ARG A 287 9.66 -9.55 4.89
CA ARG A 287 9.44 -8.13 4.63
C ARG A 287 10.27 -7.23 5.52
N VAL A 288 10.37 -7.54 6.82
CA VAL A 288 11.04 -6.66 7.76
C VAL A 288 12.48 -6.45 7.37
N THR A 289 13.17 -7.51 6.97
CA THR A 289 14.53 -7.38 6.48
C THR A 289 14.60 -6.44 5.28
N GLU A 290 13.68 -6.60 4.33
CA GLU A 290 13.63 -5.69 3.20
C GLU A 290 13.28 -4.28 3.64
N ASP A 291 12.56 -4.12 4.75
CA ASP A 291 12.34 -2.80 5.31
C ASP A 291 13.66 -2.11 5.63
N THR A 292 14.64 -2.87 6.15
CA THR A 292 15.94 -2.30 6.44
C THR A 292 16.60 -1.72 5.20
N SER A 293 16.18 -2.14 4.01
CA SER A 293 16.59 -1.43 2.80
C SER A 293 15.93 -0.07 2.72
N THR A 294 14.59 -0.06 2.66
CA THR A 294 13.88 1.19 2.38
C THR A 294 13.99 2.20 3.50
N LEU A 295 14.30 1.75 4.73
CA LEU A 295 14.62 2.68 5.78
C LEU A 295 15.99 3.31 5.56
N SER A 296 16.99 2.49 5.23
CA SER A 296 18.36 2.97 5.19
C SER A 296 18.54 4.04 4.12
N ASP A 297 17.95 3.83 2.94
CA ASP A 297 17.99 4.85 1.91
C ASP A 297 17.31 6.13 2.39
N SER A 298 16.18 5.99 3.09
CA SER A 298 15.49 7.16 3.63
C SER A 298 16.35 7.89 4.66
N LEU A 299 17.36 7.22 5.21
CA LEU A 299 18.32 7.87 6.08
C LEU A 299 19.66 8.12 5.40
N SER A 300 19.91 7.47 4.26
CA SER A 300 21.22 7.61 3.62
C SER A 300 21.38 8.97 2.99
N GLU A 301 20.37 9.45 2.27
CA GLU A 301 20.50 10.70 1.53
C GLU A 301 20.05 11.91 2.33
N ASN A 302 18.98 11.77 3.11
CA ASN A 302 18.47 12.91 3.87
C ASN A 302 19.51 13.44 4.85
N LEU A 303 20.17 12.53 5.57
CA LEU A 303 21.25 12.93 6.47
C LEU A 303 22.36 13.62 5.69
N SER A 304 22.61 13.19 4.45
CA SER A 304 23.54 13.92 3.60
C SER A 304 23.00 15.31 3.30
N LEU A 305 21.74 15.40 2.87
CA LEU A 305 21.19 16.68 2.45
C LEU A 305 21.18 17.68 3.59
N PHE A 306 20.88 17.22 4.80
CA PHE A 306 21.05 18.07 5.98
C PHE A 306 22.51 18.47 6.14
N LEU A 307 23.42 17.50 6.16
CA LEU A 307 24.82 17.78 6.46
C LEU A 307 25.46 18.61 5.36
N TRP A 308 25.06 18.40 4.11
CA TRP A 308 25.61 19.19 3.03
C TRP A 308 25.11 20.64 3.03
N TYR A 309 24.09 20.96 3.80
CA TYR A 309 23.49 22.29 3.74
C TYR A 309 23.75 23.14 4.96
N LEU A 310 23.68 22.56 6.16
CA LEU A 310 23.80 23.34 7.39
C LEU A 310 25.14 24.06 7.44
N VAL A 311 26.23 23.34 7.20
CA VAL A 311 27.54 23.98 7.16
C VAL A 311 27.58 25.03 6.07
N ARG A 312 26.94 24.74 4.93
CA ARG A 312 26.81 25.74 3.87
C ARG A 312 26.16 27.00 4.41
N GLY A 313 25.05 26.85 5.13
CA GLY A 313 24.47 27.99 5.80
C GLY A 313 25.43 28.65 6.77
N LEU A 314 26.10 27.82 7.57
CA LEU A 314 27.09 28.35 8.50
C LEU A 314 28.24 29.05 7.78
N CYS A 315 28.50 28.67 6.53
CA CYS A 315 29.51 29.39 5.76
C CYS A 315 29.02 30.79 5.41
N LEU A 316 27.77 30.90 4.98
CA LEU A 316 27.24 32.20 4.56
C LEU A 316 27.22 33.17 5.73
N LEU A 317 26.76 32.71 6.89
CA LEU A 317 26.76 33.55 8.08
C LEU A 317 28.16 33.96 8.49
N GLY A 318 29.19 33.25 8.03
CA GLY A 318 30.54 33.64 8.33
C GLY A 318 31.08 34.76 7.47
N ILE A 319 30.35 35.18 6.44
CA ILE A 319 30.80 36.22 5.53
C ILE A 319 29.99 37.50 5.72
N MET A 320 28.67 37.38 5.81
CA MET A 320 27.84 38.57 6.04
C MET A 320 28.18 39.21 7.38
N LEU A 321 28.43 38.40 8.41
CA LEU A 321 28.90 38.94 9.68
C LEU A 321 30.22 39.65 9.52
N TRP A 322 31.06 39.21 8.58
CA TRP A 322 32.29 39.93 8.29
C TRP A 322 32.01 41.20 7.49
N GLY A 323 30.93 41.21 6.71
CA GLY A 323 30.59 42.37 5.91
C GLY A 323 30.12 43.53 6.74
N SER A 324 28.99 43.34 7.44
CA SER A 324 28.47 44.35 8.35
C SER A 324 27.54 43.65 9.33
N VAL A 325 27.78 43.85 10.63
CA VAL A 325 27.03 43.13 11.64
C VAL A 325 25.58 43.58 11.71
N SER A 326 25.27 44.79 11.27
CA SER A 326 23.92 45.32 11.43
C SER A 326 22.92 44.58 10.54
N LEU A 327 23.24 44.42 9.26
CA LEU A 327 22.30 43.80 8.34
C LEU A 327 22.11 42.31 8.66
N THR A 328 23.19 41.61 8.99
CA THR A 328 23.03 40.21 9.36
C THR A 328 22.31 40.05 10.68
N MET A 329 22.52 40.98 11.62
CA MET A 329 21.73 40.94 12.85
C MET A 329 20.26 41.15 12.56
N VAL A 330 19.94 42.06 11.64
CA VAL A 330 18.54 42.32 11.29
C VAL A 330 17.91 41.08 10.67
N THR A 331 18.60 40.46 9.70
CA THR A 331 18.01 39.29 9.07
C THR A 331 17.91 38.11 10.02
N LEU A 332 18.86 37.99 10.96
CA LEU A 332 18.78 36.95 11.97
C LEU A 332 17.59 37.19 12.90
N ILE A 333 17.33 38.45 13.25
CA ILE A 333 16.22 38.77 14.14
C ILE A 333 14.89 38.45 13.47
N THR A 334 14.74 38.85 12.20
CA THR A 334 13.44 38.68 11.55
C THR A 334 13.30 37.36 10.80
N LEU A 335 14.29 36.49 10.84
CA LEU A 335 14.11 35.15 10.28
C LEU A 335 13.01 34.34 10.95
N PRO A 336 12.95 34.22 12.29
CA PRO A 336 11.85 33.45 12.89
C PRO A 336 10.48 34.01 12.59
N LEU A 337 10.35 35.35 12.52
CA LEU A 337 9.06 35.97 12.24
C LEU A 337 8.52 35.60 10.87
N LEU A 338 9.39 35.19 9.94
CA LEU A 338 8.94 34.72 8.64
C LEU A 338 8.94 33.21 8.50
N PHE A 339 9.62 32.48 9.37
CA PHE A 339 9.64 31.03 9.27
C PHE A 339 8.88 30.30 10.38
N LEU A 340 8.14 31.02 11.23
CA LEU A 340 7.29 30.35 12.21
C LEU A 340 5.84 30.80 12.12
N LEU A 341 5.58 32.00 11.63
CA LEU A 341 4.21 32.49 11.53
C LEU A 341 3.32 31.64 10.63
N PRO A 342 3.73 31.22 9.42
CA PRO A 342 2.86 30.30 8.66
C PRO A 342 2.59 28.99 9.37
N LYS A 343 3.54 28.48 10.15
CA LYS A 343 3.30 27.27 10.91
C LYS A 343 2.18 27.47 11.92
N LYS A 344 2.18 28.62 12.60
CA LYS A 344 1.09 28.93 13.52
C LYS A 344 -0.23 29.15 12.80
N VAL A 345 -0.19 29.73 11.61
CA VAL A 345 -1.42 30.01 10.86
C VAL A 345 -2.06 28.72 10.37
N GLY A 346 -1.23 27.77 9.92
CA GLY A 346 -1.73 26.57 9.25
C GLY A 346 -2.56 25.65 10.12
N LYS A 347 -2.59 25.85 11.43
CA LYS A 347 -3.40 25.01 12.31
C LYS A 347 -4.88 25.14 11.98
N TRP A 348 -5.34 26.36 11.71
CA TRP A 348 -6.73 26.60 11.35
C TRP A 348 -7.10 25.85 10.08
N TYR A 349 -6.25 25.97 9.06
CA TYR A 349 -6.47 25.26 7.80
C TYR A 349 -6.49 23.75 8.00
N GLN A 350 -5.56 23.23 8.83
CA GLN A 350 -5.49 21.80 9.04
C GLN A 350 -6.72 21.27 9.77
N LEU A 351 -7.20 21.99 10.78
CA LEU A 351 -8.38 21.51 11.50
C LEU A 351 -9.63 21.60 10.63
N LEU A 352 -9.73 22.65 9.80
CA LEU A 352 -10.84 22.70 8.87
C LEU A 352 -10.78 21.55 7.87
N GLU A 353 -9.58 21.21 7.41
CA GLU A 353 -9.42 20.07 6.51
C GLU A 353 -9.84 18.77 7.18
N VAL A 354 -9.50 18.61 8.46
CA VAL A 354 -9.91 17.41 9.20
C VAL A 354 -11.43 17.33 9.29
N GLN A 355 -12.08 18.46 9.59
CA GLN A 355 -13.54 18.47 9.66
C GLN A 355 -14.16 18.12 8.31
N VAL A 356 -13.60 18.66 7.22
CA VAL A 356 -14.12 18.36 5.89
C VAL A 356 -13.96 16.88 5.57
N ARG A 357 -12.81 16.30 5.94
CA ARG A 357 -12.59 14.88 5.70
C ARG A 357 -13.57 14.03 6.48
N GLU A 358 -13.86 14.39 7.72
CA GLU A 358 -14.81 13.60 8.50
C GLU A 358 -16.23 13.73 7.95
N SER A 359 -16.61 14.91 7.46
CA SER A 359 -17.93 15.04 6.85
C SER A 359 -18.03 14.22 5.58
N LEU A 360 -16.98 14.21 4.76
CA LEU A 360 -16.98 13.38 3.55
C LEU A 360 -17.04 11.91 3.91
N ALA A 361 -16.36 11.50 4.98
CA ALA A 361 -16.42 10.12 5.43
C ALA A 361 -17.83 9.74 5.85
N LYS A 362 -18.52 10.62 6.56
CA LYS A 362 -19.90 10.33 6.96
C LYS A 362 -20.82 10.22 5.75
N SER A 363 -20.65 11.12 4.77
CA SER A 363 -21.46 11.05 3.56
C SER A 363 -21.20 9.75 2.79
N SER A 364 -19.94 9.35 2.69
CA SER A 364 -19.61 8.10 2.02
C SER A 364 -20.19 6.91 2.77
N GLN A 365 -20.19 6.98 4.11
CA GLN A 365 -20.78 5.91 4.90
C GLN A 365 -22.27 5.77 4.64
N VAL A 366 -23.00 6.89 4.59
CA VAL A 366 -24.43 6.77 4.34
C VAL A 366 -24.70 6.32 2.90
N ALA A 367 -23.85 6.72 1.96
CA ALA A 367 -23.99 6.23 0.58
C ALA A 367 -23.78 4.73 0.51
N ILE A 368 -22.77 4.23 1.22
CA ILE A 368 -22.50 2.79 1.23
C ILE A 368 -23.65 2.04 1.87
N GLU A 369 -24.21 2.58 2.96
CA GLU A 369 -25.35 1.95 3.60
C GLU A 369 -26.54 1.87 2.65
N ALA A 370 -26.79 2.95 1.90
CA ALA A 370 -27.87 2.91 0.93
C ALA A 370 -27.60 1.91 -0.19
N LEU A 371 -26.35 1.81 -0.64
CA LEU A 371 -26.02 0.94 -1.75
C LEU A 371 -26.01 -0.53 -1.38
N SER A 372 -25.75 -0.86 -0.11
CA SER A 372 -25.64 -2.25 0.29
C SER A 372 -26.98 -2.97 0.37
N ALA A 373 -28.09 -2.26 0.26
CA ALA A 373 -29.40 -2.87 0.37
C ALA A 373 -30.21 -2.65 -0.91
N MET A 374 -29.58 -2.90 -2.06
CA MET A 374 -30.22 -2.60 -3.33
C MET A 374 -31.56 -3.32 -3.57
N PRO A 375 -31.73 -4.62 -3.28
CA PRO A 375 -33.05 -5.23 -3.52
C PRO A 375 -34.17 -4.57 -2.73
N THR A 376 -33.93 -4.20 -1.47
CA THR A 376 -34.97 -3.59 -0.68
C THR A 376 -35.14 -2.10 -0.95
N VAL A 377 -34.19 -1.47 -1.63
CA VAL A 377 -34.37 -0.09 -2.06
C VAL A 377 -35.00 -0.02 -3.45
N ARG A 378 -34.91 -1.08 -4.24
CA ARG A 378 -35.62 -1.14 -5.51
C ARG A 378 -37.03 -1.70 -5.33
N SER A 379 -37.26 -2.50 -4.29
CA SER A 379 -38.59 -3.03 -4.05
C SER A 379 -39.60 -1.93 -3.75
N PHE A 380 -39.15 -0.78 -3.26
CA PHE A 380 -40.02 0.34 -2.95
C PHE A 380 -39.81 1.52 -3.89
N ALA A 381 -38.86 1.42 -4.82
CA ALA A 381 -38.58 2.47 -5.81
C ALA A 381 -38.27 3.80 -5.13
N ASN A 382 -37.20 3.80 -4.35
CA ASN A 382 -36.80 4.96 -3.57
C ASN A 382 -35.38 5.40 -3.92
N GLU A 383 -35.02 5.31 -5.20
CA GLU A 383 -33.72 5.80 -5.62
C GLU A 383 -33.63 7.32 -5.52
N GLU A 384 -34.74 8.01 -5.85
CA GLU A 384 -34.77 9.46 -5.68
C GLU A 384 -34.61 9.87 -4.22
N GLY A 385 -35.16 9.08 -3.30
CA GLY A 385 -34.96 9.36 -1.89
C GLY A 385 -33.51 9.27 -1.49
N GLU A 386 -32.79 8.26 -1.99
CA GLU A 386 -31.37 8.14 -1.70
C GLU A 386 -30.58 9.27 -2.33
N ALA A 387 -30.94 9.67 -3.55
CA ALA A 387 -30.26 10.81 -4.18
C ALA A 387 -30.47 12.08 -3.38
N GLN A 388 -31.69 12.30 -2.89
CA GLN A 388 -31.97 13.49 -2.08
C GLN A 388 -31.19 13.45 -0.77
N LYS A 389 -31.18 12.30 -0.10
CA LYS A 389 -30.47 12.17 1.16
C LYS A 389 -28.96 12.27 0.99
N PHE A 390 -28.43 11.97 -0.19
CA PHE A 390 -27.03 12.17 -0.46
C PHE A 390 -26.68 13.60 -0.85
N ARG A 391 -27.58 14.30 -1.54
CA ARG A 391 -27.36 15.71 -1.85
C ARG A 391 -27.43 16.56 -0.59
N GLU A 392 -28.33 16.19 0.33
CA GLU A 392 -28.51 16.92 1.58
C GLU A 392 -27.22 16.92 2.40
N LYS A 393 -26.49 15.80 2.37
CA LYS A 393 -25.22 15.73 3.09
C LYS A 393 -24.20 16.69 2.50
N LEU A 394 -24.11 16.76 1.17
CA LEU A 394 -23.10 17.60 0.53
C LEU A 394 -23.42 19.08 0.70
N GLN A 395 -24.71 19.41 0.79
CA GLN A 395 -25.08 20.80 1.00
C GLN A 395 -24.50 21.36 2.30
N GLU A 396 -24.28 20.50 3.30
CA GLU A 396 -23.64 20.96 4.53
C GLU A 396 -22.14 21.09 4.38
N ILE A 397 -21.50 20.21 3.61
CA ILE A 397 -20.05 20.27 3.45
C ILE A 397 -19.63 21.44 2.57
N LYS A 398 -20.57 22.01 1.81
CA LYS A 398 -20.24 23.18 0.99
C LYS A 398 -19.71 24.34 1.83
N THR A 399 -20.36 24.61 2.97
CA THR A 399 -19.92 25.72 3.82
C THR A 399 -18.53 25.48 4.39
N LEU A 400 -18.26 24.25 4.82
CA LEU A 400 -16.94 23.91 5.32
C LEU A 400 -15.89 24.08 4.22
N ASN A 401 -16.25 23.75 2.97
CA ASN A 401 -15.34 23.97 1.86
C ASN A 401 -15.04 25.45 1.67
N GLN A 402 -16.07 26.30 1.81
CA GLN A 402 -15.86 27.74 1.69
C GLN A 402 -14.90 28.25 2.76
N LYS A 403 -15.11 27.80 4.01
CA LYS A 403 -14.22 28.23 5.09
C LYS A 403 -12.80 27.73 4.86
N GLU A 404 -12.67 26.50 4.34
CA GLU A 404 -11.37 25.96 3.97
C GLU A 404 -10.66 26.86 2.97
N ALA A 405 -11.39 27.29 1.94
CA ALA A 405 -10.81 28.14 0.90
C ALA A 405 -10.35 29.47 1.49
N VAL A 406 -11.16 30.07 2.35
CA VAL A 406 -10.78 31.36 2.94
C VAL A 406 -9.53 31.20 3.80
N ALA A 407 -9.47 30.15 4.62
CA ALA A 407 -8.30 29.95 5.48
C ALA A 407 -7.05 29.71 4.64
N TYR A 408 -7.16 28.93 3.57
CA TYR A 408 -6.01 28.69 2.70
C TYR A 408 -5.54 29.99 2.05
N ALA A 409 -6.48 30.83 1.62
CA ALA A 409 -6.11 32.10 1.01
C ALA A 409 -5.36 32.99 2.00
N VAL A 410 -5.84 33.05 3.24
CA VAL A 410 -5.17 33.86 4.26
C VAL A 410 -3.76 33.33 4.52
N ASN A 411 -3.62 32.01 4.62
CA ASN A 411 -2.31 31.42 4.87
C ASN A 411 -1.35 31.73 3.73
N SER A 412 -1.81 31.62 2.48
CA SER A 412 -0.95 31.94 1.35
C SER A 412 -0.54 33.41 1.37
N TRP A 413 -1.48 34.30 1.66
CA TRP A 413 -1.15 35.72 1.68
C TRP A 413 -0.10 36.04 2.73
N THR A 414 -0.25 35.50 3.94
CA THR A 414 0.73 35.83 4.98
C THR A 414 2.08 35.20 4.68
N THR A 415 2.10 33.96 4.19
CA THR A 415 3.37 33.33 3.88
C THR A 415 4.05 33.98 2.68
N SER A 416 3.32 34.76 1.88
CA SER A 416 3.96 35.53 0.82
C SER A 416 4.50 36.85 1.35
N ILE A 417 3.66 37.63 2.03
CA ILE A 417 4.04 38.99 2.40
C ILE A 417 5.16 38.98 3.45
N SER A 418 5.12 38.02 4.39
CA SER A 418 6.15 37.98 5.41
C SER A 418 7.53 37.77 4.82
N GLY A 419 7.64 36.88 3.84
CA GLY A 419 8.92 36.69 3.18
C GLY A 419 9.29 37.80 2.23
N MET A 420 8.29 38.46 1.64
CA MET A 420 8.60 39.50 0.66
C MET A 420 9.05 40.81 1.30
N LEU A 421 8.51 41.17 2.47
CA LEU A 421 8.84 42.46 3.07
C LEU A 421 10.26 42.52 3.61
N LEU A 422 10.90 41.36 3.83
CA LEU A 422 12.25 41.34 4.37
C LEU A 422 13.24 41.99 3.41
N LYS A 423 13.06 41.77 2.10
CA LYS A 423 13.96 42.35 1.12
C LYS A 423 13.86 43.88 1.13
N VAL A 424 12.64 44.41 1.23
CA VAL A 424 12.46 45.86 1.30
C VAL A 424 13.11 46.42 2.56
N GLY A 425 12.91 45.74 3.69
CA GLY A 425 13.54 46.20 4.92
C GLY A 425 15.06 46.21 4.84
N ILE A 426 15.63 45.14 4.27
CA ILE A 426 17.08 45.05 4.13
C ILE A 426 17.59 46.16 3.23
N LEU A 427 16.89 46.41 2.12
CA LEU A 427 17.32 47.47 1.21
C LEU A 427 17.26 48.84 1.88
N TYR A 428 16.21 49.09 2.67
CA TYR A 428 16.10 50.38 3.35
C TYR A 428 17.23 50.58 4.35
N ILE A 429 17.46 49.60 5.22
CA ILE A 429 18.49 49.77 6.23
C ILE A 429 19.87 49.82 5.57
N GLY A 430 20.09 49.07 4.49
CA GLY A 430 21.35 49.13 3.79
C GLY A 430 21.58 50.47 3.12
N GLY A 431 20.52 51.07 2.57
CA GLY A 431 20.64 52.40 2.01
C GLY A 431 20.99 53.43 3.07
N GLN A 432 20.38 53.30 4.25
CA GLN A 432 20.75 54.18 5.35
C GLN A 432 22.22 54.01 5.72
N LEU A 433 22.70 52.76 5.77
CA LEU A 433 24.10 52.51 6.09
C LEU A 433 25.04 53.08 5.05
N VAL A 434 24.71 52.91 3.77
CA VAL A 434 25.58 53.39 2.69
C VAL A 434 25.63 54.91 2.69
N THR A 435 24.48 55.57 2.85
CA THR A 435 24.48 57.02 2.95
C THR A 435 25.22 57.49 4.19
N SER A 436 25.23 56.69 5.26
CA SER A 436 26.04 57.03 6.42
C SER A 436 27.52 56.97 6.12
N GLY A 437 27.92 56.13 5.18
CA GLY A 437 29.32 55.99 4.81
C GLY A 437 30.04 54.81 5.43
N ALA A 438 29.33 53.92 6.12
CA ALA A 438 29.98 52.77 6.75
C ALA A 438 30.46 51.77 5.70
N VAL A 439 29.60 51.44 4.73
CA VAL A 439 29.92 50.46 3.71
C VAL A 439 29.70 51.10 2.33
N SER A 440 30.08 50.37 1.30
CA SER A 440 29.94 50.83 -0.08
C SER A 440 28.84 50.01 -0.77
N SER A 441 28.59 50.36 -2.03
CA SER A 441 27.52 49.70 -2.78
C SER A 441 27.84 48.24 -3.07
N GLY A 442 29.11 47.92 -3.29
CA GLY A 442 29.47 46.54 -3.58
C GLY A 442 29.16 45.61 -2.42
N ASN A 443 29.38 46.07 -1.20
CA ASN A 443 29.02 45.27 -0.03
C ASN A 443 27.51 45.03 0.02
N LEU A 444 26.73 46.04 -0.34
CA LEU A 444 25.28 45.87 -0.38
C LEU A 444 24.87 44.85 -1.43
N VAL A 445 25.52 44.88 -2.61
CA VAL A 445 25.21 43.92 -3.66
C VAL A 445 25.54 42.50 -3.21
N THR A 446 26.71 42.34 -2.58
CA THR A 446 27.09 41.01 -2.09
C THR A 446 26.12 40.52 -1.02
N PHE A 447 25.70 41.41 -0.12
CA PHE A 447 24.74 41.01 0.90
C PHE A 447 23.40 40.61 0.30
N VAL A 448 22.95 41.37 -0.70
CA VAL A 448 21.68 41.03 -1.36
C VAL A 448 21.78 39.67 -2.02
N LEU A 449 22.92 39.37 -2.64
CA LEU A 449 23.08 38.06 -3.26
C LEU A 449 23.21 36.95 -2.24
N TYR A 450 23.79 37.22 -1.07
CA TYR A 450 23.96 36.18 -0.07
C TYR A 450 22.68 35.86 0.68
N GLN A 451 21.81 36.86 0.88
CA GLN A 451 20.63 36.67 1.72
C GLN A 451 19.68 35.64 1.12
N MET A 452 19.50 35.65 -0.20
CA MET A 452 18.62 34.68 -0.83
C MET A 452 19.12 33.25 -0.65
N GLN A 453 20.43 33.05 -0.82
CA GLN A 453 21.00 31.72 -0.62
C GLN A 453 20.86 31.27 0.82
N PHE A 454 21.07 32.20 1.77
CA PHE A 454 20.90 31.85 3.18
C PHE A 454 19.46 31.44 3.48
N THR A 455 18.50 32.17 2.93
CA THR A 455 17.09 31.83 3.14
C THR A 455 16.77 30.47 2.53
N GLN A 456 17.30 30.19 1.35
CA GLN A 456 17.07 28.89 0.73
C GLN A 456 17.65 27.76 1.57
N ALA A 457 18.85 27.97 2.13
CA ALA A 457 19.45 26.95 2.98
C ALA A 457 18.63 26.70 4.23
N VAL A 458 18.13 27.77 4.86
CA VAL A 458 17.32 27.60 6.06
C VAL A 458 16.04 26.85 5.73
N GLU A 459 15.39 27.19 4.61
CA GLU A 459 14.17 26.50 4.22
C GLU A 459 14.44 25.03 3.92
N VAL A 460 15.59 24.73 3.31
CA VAL A 460 15.94 23.35 3.02
C VAL A 460 16.12 22.56 4.31
N LEU A 461 16.79 23.15 5.31
CA LEU A 461 16.93 22.49 6.60
C LEU A 461 15.57 22.22 7.24
N LEU A 462 14.69 23.22 7.21
CA LEU A 462 13.37 23.05 7.83
C LEU A 462 12.56 21.97 7.13
N SER A 463 12.69 21.87 5.81
CA SER A 463 11.98 20.81 5.09
C SER A 463 12.59 19.44 5.38
N ILE A 464 13.92 19.38 5.51
CA ILE A 464 14.60 18.09 5.66
C ILE A 464 14.33 17.49 7.03
N TYR A 465 14.33 18.31 8.08
CA TYR A 465 14.32 17.80 9.45
C TYR A 465 13.20 16.82 9.78
N PRO A 466 11.92 17.06 9.43
CA PRO A 466 10.88 16.07 9.80
C PRO A 466 11.09 14.69 9.21
N ARG A 467 11.64 14.60 7.99
CA ARG A 467 11.84 13.28 7.39
C ARG A 467 12.87 12.47 8.17
N VAL A 468 13.99 13.09 8.54
CA VAL A 468 14.98 12.36 9.32
C VAL A 468 14.46 12.08 10.72
N GLN A 469 13.59 12.94 11.24
CA GLN A 469 12.96 12.64 12.53
C GLN A 469 12.09 11.40 12.43
N LYS A 470 11.30 11.28 11.36
CA LYS A 470 10.48 10.09 11.18
C LYS A 470 11.34 8.86 10.99
N ALA A 471 12.45 8.98 10.26
CA ALA A 471 13.33 7.85 10.02
C ALA A 471 13.94 7.35 11.33
N VAL A 472 14.46 8.27 12.15
CA VAL A 472 15.08 7.83 13.41
C VAL A 472 14.01 7.32 14.37
N GLY A 473 12.78 7.82 14.27
CA GLY A 473 11.70 7.27 15.07
C GLY A 473 11.35 5.84 14.68
N SER A 474 11.31 5.57 13.36
CA SER A 474 10.95 4.24 12.88
C SER A 474 12.11 3.25 12.91
N SER A 475 13.34 3.73 13.13
CA SER A 475 14.48 2.83 13.18
C SER A 475 14.43 1.84 14.35
N GLU A 476 13.61 2.11 15.36
CA GLU A 476 13.60 1.25 16.55
C GLU A 476 12.99 -0.12 16.26
N LYS A 477 12.21 -0.24 15.18
CA LYS A 477 11.57 -1.51 14.87
C LYS A 477 12.59 -2.58 14.47
N ILE A 478 13.60 -2.19 13.70
CA ILE A 478 14.58 -3.16 13.19
C ILE A 478 15.39 -3.75 14.33
N PHE A 479 15.78 -2.91 15.29
CA PHE A 479 16.59 -3.39 16.40
C PHE A 479 15.86 -4.43 17.25
N GLU A 480 14.51 -4.41 17.24
CA GLU A 480 13.75 -5.41 17.96
C GLU A 480 14.04 -6.81 17.42
N TYR A 481 14.01 -6.96 16.10
CA TYR A 481 14.40 -8.23 15.49
C TYR A 481 15.89 -8.48 15.67
N LEU A 482 16.69 -7.41 15.66
CA LEU A 482 18.14 -7.58 15.72
C LEU A 482 18.58 -8.18 17.05
N ASP A 483 17.99 -7.74 18.16
CA ASP A 483 18.41 -8.24 19.47
C ASP A 483 17.37 -9.13 20.16
N ARG A 484 16.44 -9.71 19.41
CA ARG A 484 15.45 -10.62 19.99
C ARG A 484 16.14 -11.84 20.59
N THR A 485 15.78 -12.18 21.82
CA THR A 485 16.44 -13.28 22.52
C THR A 485 15.89 -14.62 22.05
N PRO A 486 16.74 -15.54 21.59
CA PRO A 486 16.26 -16.85 21.16
C PRO A 486 15.83 -17.71 22.34
N ARG A 487 14.68 -18.38 22.21
CA ARG A 487 14.19 -19.28 23.25
C ARG A 487 14.53 -20.71 22.85
N CYS A 488 15.81 -21.05 22.99
CA CYS A 488 16.32 -22.37 22.64
C CYS A 488 17.67 -22.54 23.32
N PRO A 489 18.04 -23.78 23.65
CA PRO A 489 19.35 -24.00 24.27
C PRO A 489 20.47 -23.69 23.29
N PRO A 490 21.61 -23.23 23.77
CA PRO A 490 22.74 -22.96 22.88
C PRO A 490 23.38 -24.25 22.38
N SER A 491 24.11 -24.13 21.28
CA SER A 491 24.81 -25.27 20.71
C SER A 491 25.93 -25.72 21.63
N GLY A 492 26.13 -27.03 21.70
CA GLY A 492 27.18 -27.59 22.52
C GLY A 492 28.53 -27.58 21.82
N LEU A 493 29.52 -28.14 22.52
CA LEU A 493 30.88 -28.20 22.00
C LEU A 493 31.38 -29.62 21.81
N LEU A 494 30.57 -30.63 22.13
CA LEU A 494 31.00 -32.01 21.98
C LEU A 494 31.02 -32.40 20.51
N THR A 495 32.10 -33.05 20.10
CA THR A 495 32.23 -33.56 18.72
C THR A 495 33.07 -34.82 18.75
N PRO A 496 32.49 -35.94 19.19
CA PRO A 496 33.25 -37.20 19.18
C PRO A 496 33.46 -37.71 17.77
N LEU A 497 34.51 -38.51 17.61
CA LEU A 497 34.90 -39.06 16.33
C LEU A 497 34.40 -40.49 16.13
N HIS A 498 33.57 -40.98 17.05
CA HIS A 498 33.05 -42.34 16.97
C HIS A 498 31.70 -42.44 17.67
N LEU A 499 30.62 -42.49 16.90
CA LEU A 499 29.27 -42.55 17.45
C LEU A 499 28.65 -43.91 17.13
N GLU A 500 28.15 -44.58 18.17
CA GLU A 500 27.46 -45.85 17.97
C GLU A 500 26.05 -45.64 17.42
N GLY A 501 25.39 -44.56 17.82
CA GLY A 501 24.06 -44.27 17.35
C GLY A 501 22.93 -44.73 18.25
N LEU A 502 23.25 -45.20 19.46
CA LEU A 502 22.21 -45.67 20.37
C LEU A 502 21.40 -44.48 20.87
N VAL A 503 20.07 -44.59 20.78
CA VAL A 503 19.17 -43.53 21.19
C VAL A 503 18.24 -44.05 22.26
N GLN A 504 18.13 -43.32 23.37
CA GLN A 504 17.29 -43.72 24.49
C GLN A 504 16.26 -42.64 24.78
N PHE A 505 15.03 -43.05 25.03
CA PHE A 505 13.97 -42.17 25.49
C PHE A 505 13.63 -42.51 26.93
N GLN A 506 13.62 -41.50 27.80
CA GLN A 506 13.38 -41.69 29.23
C GLN A 506 12.17 -40.85 29.64
N ASP A 507 10.98 -41.46 29.53
CA ASP A 507 9.72 -40.85 29.97
C ASP A 507 9.51 -39.48 29.33
N VAL A 508 9.72 -39.41 28.03
CA VAL A 508 9.65 -38.13 27.32
C VAL A 508 8.20 -37.68 27.22
N SER A 509 7.95 -36.44 27.63
CA SER A 509 6.65 -35.80 27.47
C SER A 509 6.88 -34.45 26.81
N PHE A 510 6.12 -34.18 25.75
CA PHE A 510 6.29 -32.94 25.00
C PHE A 510 4.94 -32.29 24.73
N ALA A 511 4.90 -30.97 24.89
CA ALA A 511 3.75 -30.16 24.53
C ALA A 511 4.23 -29.03 23.63
N TYR A 512 3.45 -28.74 22.60
CA TYR A 512 3.85 -27.70 21.64
C TYR A 512 3.86 -26.34 22.33
N PRO A 513 4.95 -25.58 22.24
CA PRO A 513 5.02 -24.28 22.93
C PRO A 513 4.00 -23.28 22.43
N ASN A 514 3.45 -23.46 21.22
CA ASN A 514 2.39 -22.57 20.77
C ASN A 514 1.14 -22.71 21.62
N ARG A 515 0.75 -23.95 21.92
CA ARG A 515 -0.41 -24.24 22.76
C ARG A 515 0.02 -25.27 23.80
N PRO A 516 0.70 -24.83 24.87
CA PRO A 516 1.26 -25.78 25.84
C PRO A 516 0.24 -26.43 26.76
N ASP A 517 -1.06 -26.26 26.51
CA ASP A 517 -2.08 -26.88 27.34
C ASP A 517 -2.36 -28.32 26.97
N VAL A 518 -1.88 -28.79 25.82
CA VAL A 518 -2.17 -30.14 25.34
C VAL A 518 -0.86 -30.93 25.35
N LEU A 519 -0.85 -32.06 26.04
CA LEU A 519 0.32 -32.94 26.09
C LEU A 519 0.22 -33.93 24.92
N VAL A 520 0.97 -33.64 23.85
CA VAL A 520 0.92 -34.50 22.68
C VAL A 520 1.61 -35.83 22.96
N LEU A 521 2.73 -35.81 23.66
CA LEU A 521 3.48 -37.01 24.00
C LEU A 521 3.49 -37.21 25.51
N GLN A 522 3.42 -38.47 25.93
CA GLN A 522 3.35 -38.78 27.35
C GLN A 522 3.84 -40.22 27.58
N GLY A 523 4.85 -40.37 28.42
CA GLY A 523 5.32 -41.70 28.80
C GLY A 523 5.96 -42.50 27.68
N LEU A 524 6.80 -41.86 26.86
CA LEU A 524 7.50 -42.55 25.79
C LEU A 524 8.84 -43.06 26.30
N THR A 525 9.14 -44.31 25.97
CA THR A 525 10.40 -44.92 26.40
C THR A 525 10.75 -46.05 25.43
N PHE A 526 11.81 -45.87 24.66
CA PHE A 526 12.30 -46.93 23.79
C PHE A 526 13.76 -46.66 23.49
N THR A 527 14.45 -47.71 23.02
CA THR A 527 15.86 -47.66 22.70
C THR A 527 16.08 -48.13 21.27
N LEU A 528 16.85 -47.35 20.51
CA LEU A 528 17.26 -47.70 19.17
C LEU A 528 18.74 -48.04 19.17
N ARG A 529 19.09 -49.17 18.57
CA ARG A 529 20.45 -49.65 18.51
C ARG A 529 20.89 -49.81 17.06
N PRO A 530 22.18 -49.66 16.77
CA PRO A 530 22.64 -49.82 15.39
C PRO A 530 22.42 -51.24 14.88
N GLY A 531 22.11 -51.35 13.60
CA GLY A 531 21.84 -52.63 12.98
C GLY A 531 20.43 -53.13 13.16
N GLU A 532 19.57 -52.40 13.86
CA GLU A 532 18.20 -52.81 14.11
C GLU A 532 17.25 -51.73 13.62
N VAL A 533 16.15 -52.16 13.00
CA VAL A 533 15.16 -51.27 12.42
C VAL A 533 13.94 -51.26 13.32
N THR A 534 13.51 -50.07 13.72
CA THR A 534 12.33 -49.91 14.56
C THR A 534 11.23 -49.24 13.74
N ALA A 535 10.07 -49.89 13.67
CA ALA A 535 8.95 -49.41 12.89
C ALA A 535 7.91 -48.81 13.81
N LEU A 536 7.64 -47.51 13.63
CA LEU A 536 6.64 -46.81 14.41
C LEU A 536 5.36 -46.72 13.58
N VAL A 537 4.28 -47.30 14.09
CA VAL A 537 3.03 -47.35 13.35
C VAL A 537 1.89 -46.87 14.24
N GLY A 538 0.84 -46.38 13.61
CA GLY A 538 -0.31 -45.85 14.30
C GLY A 538 -1.29 -45.19 13.35
N PRO A 539 -2.36 -44.61 13.89
CA PRO A 539 -3.36 -43.95 13.05
C PRO A 539 -2.90 -42.54 12.68
N ASN A 540 -3.77 -41.82 11.98
CA ASN A 540 -3.51 -40.43 11.65
C ASN A 540 -3.45 -39.59 12.91
N GLY A 541 -2.61 -38.57 12.89
CA GLY A 541 -2.39 -37.79 14.10
C GLY A 541 -1.57 -38.59 15.09
N SER A 542 -1.94 -38.46 16.37
CA SER A 542 -1.33 -39.19 17.48
C SER A 542 0.16 -38.92 17.61
N GLY A 543 0.64 -37.80 17.07
CA GLY A 543 2.04 -37.41 17.22
C GLY A 543 3.04 -38.36 16.61
N LYS A 544 2.77 -38.85 15.40
CA LYS A 544 3.71 -39.74 14.74
C LYS A 544 4.97 -38.98 14.33
N SER A 545 4.81 -37.83 13.67
CA SER A 545 5.94 -37.04 13.22
C SER A 545 6.55 -36.20 14.33
N THR A 546 5.86 -36.05 15.46
CA THR A 546 6.43 -35.28 16.56
C THR A 546 7.64 -35.98 17.17
N VAL A 547 7.64 -37.31 17.21
CA VAL A 547 8.82 -38.04 17.69
C VAL A 547 9.99 -37.80 16.76
N ALA A 548 9.76 -37.80 15.44
CA ALA A 548 10.82 -37.52 14.50
C ALA A 548 11.33 -36.09 14.64
N ALA A 549 10.42 -35.14 14.86
CA ALA A 549 10.84 -33.76 15.06
C ALA A 549 11.66 -33.61 16.33
N LEU A 550 11.29 -34.34 17.39
CA LEU A 550 12.07 -34.33 18.62
C LEU A 550 13.43 -34.97 18.44
N LEU A 551 13.52 -36.01 17.60
CA LEU A 551 14.76 -36.76 17.49
C LEU A 551 15.88 -35.93 16.88
N GLN A 552 15.57 -35.09 15.89
CA GLN A 552 16.57 -34.26 15.25
C GLN A 552 16.71 -32.90 15.91
N ASN A 553 16.40 -32.80 17.21
CA ASN A 553 16.65 -31.60 18.01
C ASN A 553 15.94 -30.37 17.48
N LEU A 554 14.78 -30.55 16.85
CA LEU A 554 13.98 -29.41 16.41
C LEU A 554 13.13 -28.81 17.52
N TYR A 555 12.98 -29.52 18.64
CA TYR A 555 12.19 -29.02 19.76
C TYR A 555 12.77 -29.59 21.06
N GLN A 556 12.46 -28.92 22.16
CA GLN A 556 12.96 -29.52 23.38
C GLN A 556 11.85 -30.24 24.13
N PRO A 557 12.15 -31.38 24.75
CA PRO A 557 11.11 -32.12 25.46
C PRO A 557 10.69 -31.42 26.74
N THR A 558 9.37 -31.34 26.97
CA THR A 558 8.87 -30.74 28.19
C THR A 558 9.28 -31.56 29.42
N GLY A 559 9.20 -32.89 29.31
CA GLY A 559 9.65 -33.76 30.38
C GLY A 559 10.41 -34.95 29.82
N GLY A 560 11.11 -35.63 30.71
CA GLY A 560 11.89 -36.78 30.31
C GLY A 560 13.23 -36.40 29.69
N GLN A 561 13.93 -37.41 29.21
CA GLN A 561 15.27 -37.23 28.65
C GLN A 561 15.40 -37.92 27.30
N LEU A 562 16.20 -37.31 26.43
CA LEU A 562 16.62 -37.92 25.17
C LEU A 562 18.13 -38.09 25.22
N LEU A 563 18.60 -39.33 25.08
CA LEU A 563 20.01 -39.63 25.20
C LEU A 563 20.54 -40.17 23.89
N LEU A 564 21.65 -39.61 23.41
CA LEU A 564 22.34 -40.08 22.23
C LEU A 564 23.75 -40.49 22.63
N ASP A 565 23.98 -41.81 22.69
CA ASP A 565 25.28 -42.38 23.05
C ASP A 565 25.72 -41.88 24.43
N GLY A 566 24.77 -41.78 25.35
CA GLY A 566 25.05 -41.37 26.70
C GLY A 566 25.13 -39.87 26.93
N LYS A 567 24.86 -39.05 25.93
CA LYS A 567 24.91 -37.61 26.08
C LYS A 567 23.63 -36.99 25.51
N PRO A 568 23.16 -35.90 26.11
CA PRO A 568 21.96 -35.24 25.57
C PRO A 568 22.25 -34.53 24.26
N LEU A 569 21.17 -34.27 23.52
CA LEU A 569 21.30 -33.63 22.21
C LEU A 569 21.91 -32.23 22.27
N PRO A 570 21.47 -31.31 23.13
CA PRO A 570 22.06 -29.95 23.09
C PRO A 570 23.54 -29.91 23.43
N GLN A 571 24.09 -30.93 24.08
CA GLN A 571 25.51 -30.92 24.41
C GLN A 571 26.39 -31.10 23.19
N TYR A 572 25.85 -31.62 22.09
CA TYR A 572 26.62 -31.83 20.89
C TYR A 572 26.73 -30.55 20.06
N GLU A 573 27.74 -30.50 19.21
CA GLU A 573 27.85 -29.41 18.25
C GLU A 573 26.71 -29.47 17.25
N HIS A 574 26.21 -28.30 16.87
CA HIS A 574 25.02 -28.23 16.01
C HIS A 574 25.27 -28.89 14.65
N ARG A 575 26.34 -28.47 13.98
CA ARG A 575 26.61 -28.98 12.64
C ARG A 575 26.95 -30.47 12.67
N TYR A 576 27.75 -30.89 13.65
CA TYR A 576 28.13 -32.29 13.74
C TYR A 576 26.92 -33.18 14.05
N LEU A 577 26.07 -32.74 14.98
CA LEU A 577 24.88 -33.51 15.31
C LEU A 577 23.96 -33.64 14.10
N HIS A 578 23.73 -32.53 13.39
CA HIS A 578 22.84 -32.61 12.24
C HIS A 578 23.47 -33.35 11.07
N ARG A 579 24.79 -33.48 11.03
CA ARG A 579 25.43 -34.32 10.04
C ARG A 579 25.31 -35.79 10.41
N GLN A 580 25.35 -36.12 11.70
CA GLN A 580 25.30 -37.51 12.12
C GLN A 580 23.90 -38.09 12.19
N VAL A 581 22.87 -37.26 12.08
CA VAL A 581 21.48 -37.73 12.12
C VAL A 581 20.75 -37.16 10.90
N ALA A 582 20.14 -38.03 10.11
CA ALA A 582 19.47 -37.60 8.89
C ALA A 582 18.04 -38.07 8.87
N ALA A 583 17.16 -37.25 8.29
CA ALA A 583 15.74 -37.53 8.29
C ALA A 583 15.12 -37.16 6.95
N VAL A 584 14.12 -37.94 6.56
CA VAL A 584 13.28 -37.68 5.40
C VAL A 584 11.86 -37.47 5.91
N GLY A 585 11.29 -36.31 5.60
CA GLY A 585 10.01 -35.90 6.17
C GLY A 585 8.83 -36.30 5.31
N GLN A 586 7.65 -35.84 5.74
CA GLN A 586 6.43 -36.15 5.01
C GLN A 586 6.38 -35.44 3.67
N GLU A 587 6.68 -34.14 3.65
CA GLU A 587 6.67 -33.33 2.43
C GLU A 587 8.05 -32.71 2.26
N PRO A 588 8.97 -33.39 1.56
CA PRO A 588 10.32 -32.84 1.41
C PRO A 588 10.32 -31.62 0.51
N GLN A 589 11.10 -30.62 0.88
CA GLN A 589 11.26 -29.42 0.08
C GLN A 589 12.55 -29.48 -0.71
N VAL A 590 12.51 -28.98 -1.94
CA VAL A 590 13.67 -28.89 -2.80
C VAL A 590 13.88 -27.43 -3.16
N PHE A 591 15.05 -26.91 -2.83
CA PHE A 591 15.36 -25.52 -3.09
C PHE A 591 15.71 -25.31 -4.56
N GLY A 592 15.68 -24.05 -4.99
CA GLY A 592 15.96 -23.74 -6.38
C GLY A 592 17.43 -23.53 -6.68
N ARG A 593 18.08 -24.58 -7.17
CA ARG A 593 19.48 -24.53 -7.56
C ARG A 593 19.76 -25.73 -8.45
N SER A 594 21.04 -25.98 -8.72
CA SER A 594 21.42 -27.12 -9.55
C SER A 594 21.09 -28.42 -8.83
N LEU A 595 20.82 -29.45 -9.62
CA LEU A 595 20.38 -30.72 -9.04
C LEU A 595 21.45 -31.39 -8.20
N GLN A 596 22.71 -31.34 -8.63
CA GLN A 596 23.78 -31.95 -7.85
C GLN A 596 24.11 -31.15 -6.59
N GLU A 597 23.65 -29.91 -6.49
CA GLU A 597 23.79 -29.15 -5.25
C GLU A 597 22.75 -29.56 -4.22
N ASN A 598 21.55 -29.92 -4.68
CA ASN A 598 20.51 -30.38 -3.76
C ASN A 598 20.90 -31.70 -3.11
N ILE A 599 21.59 -32.57 -3.84
CA ILE A 599 22.06 -33.82 -3.26
C ILE A 599 23.05 -33.57 -2.13
N ALA A 600 23.99 -32.65 -2.34
CA ALA A 600 25.03 -32.35 -1.36
C ALA A 600 24.70 -31.11 -0.55
N TYR A 601 23.43 -30.90 -0.24
CA TYR A 601 23.02 -29.70 0.46
C TYR A 601 23.52 -29.73 1.90
N GLY A 602 24.15 -28.63 2.33
CA GLY A 602 24.59 -28.49 3.70
C GLY A 602 25.91 -29.14 4.03
N LEU A 603 26.56 -29.79 3.07
CA LEU A 603 27.84 -30.44 3.34
C LEU A 603 28.93 -29.39 3.48
N THR A 604 29.76 -29.54 4.52
CA THR A 604 30.87 -28.61 4.74
C THR A 604 31.89 -28.71 3.63
N GLN A 605 32.22 -29.92 3.19
CA GLN A 605 33.16 -30.15 2.11
C GLN A 605 32.40 -30.66 0.89
N LYS A 606 32.72 -30.09 -0.27
CA LYS A 606 32.04 -30.49 -1.50
C LYS A 606 32.44 -31.91 -1.87
N PRO A 607 31.50 -32.84 -1.99
CA PRO A 607 31.86 -34.22 -2.30
C PRO A 607 32.20 -34.40 -3.77
N THR A 608 32.86 -35.51 -4.06
CA THR A 608 33.22 -35.83 -5.42
C THR A 608 31.99 -36.30 -6.19
N MET A 609 32.14 -36.40 -7.52
CA MET A 609 31.05 -36.88 -8.35
C MET A 609 30.75 -38.35 -8.08
N GLU A 610 31.77 -39.13 -7.71
CA GLU A 610 31.57 -40.54 -7.42
C GLU A 610 30.63 -40.75 -6.24
N GLU A 611 30.79 -39.92 -5.19
CA GLU A 611 29.92 -40.02 -4.03
C GLU A 611 28.48 -39.70 -4.38
N ILE A 612 28.27 -38.67 -5.21
CA ILE A 612 26.92 -38.29 -5.59
C ILE A 612 26.28 -39.38 -6.45
N THR A 613 27.07 -39.98 -7.36
CA THR A 613 26.53 -41.09 -8.15
C THR A 613 26.19 -42.28 -7.27
N ALA A 614 27.04 -42.56 -6.26
CA ALA A 614 26.76 -43.67 -5.35
C ALA A 614 25.48 -43.40 -4.54
N ALA A 615 25.29 -42.17 -4.08
CA ALA A 615 24.08 -41.84 -3.35
C ALA A 615 22.85 -41.93 -4.24
N ALA A 616 22.97 -41.51 -5.50
CA ALA A 616 21.85 -41.64 -6.43
C ALA A 616 21.52 -43.09 -6.69
N VAL A 617 22.55 -43.94 -6.80
CA VAL A 617 22.32 -45.37 -7.03
C VAL A 617 21.66 -46.01 -5.82
N LYS A 618 22.12 -45.65 -4.61
CA LYS A 618 21.56 -46.24 -3.40
C LYS A 618 20.09 -45.91 -3.24
N SER A 619 19.70 -44.68 -3.54
CA SER A 619 18.30 -44.30 -3.47
C SER A 619 17.54 -44.65 -4.74
N GLY A 620 18.23 -45.10 -5.79
CA GLY A 620 17.57 -45.43 -7.03
C GLY A 620 17.22 -44.25 -7.91
N ALA A 621 17.67 -43.04 -7.54
CA ALA A 621 17.35 -41.86 -8.34
C ALA A 621 18.16 -41.80 -9.63
N HIS A 622 19.26 -42.55 -9.73
CA HIS A 622 20.14 -42.48 -10.89
C HIS A 622 19.49 -42.97 -12.17
N SER A 623 18.34 -43.65 -12.08
CA SER A 623 17.68 -44.15 -13.28
C SER A 623 17.21 -42.99 -14.16
N PHE A 624 16.66 -41.94 -13.57
CA PHE A 624 16.12 -40.84 -14.34
C PHE A 624 17.00 -39.59 -14.36
N ILE A 625 18.08 -39.56 -13.58
CA ILE A 625 18.98 -38.40 -13.63
C ILE A 625 19.69 -38.35 -14.97
N SER A 626 20.20 -39.49 -15.43
CA SER A 626 20.91 -39.54 -16.70
C SER A 626 19.99 -39.27 -17.89
N GLY A 627 18.67 -39.44 -17.72
CA GLY A 627 17.74 -39.11 -18.79
C GLY A 627 17.56 -37.62 -19.00
N LEU A 628 17.96 -36.81 -18.03
CA LEU A 628 17.88 -35.37 -18.21
C LEU A 628 18.92 -34.91 -19.23
N PRO A 629 18.57 -33.96 -20.10
CA PRO A 629 19.54 -33.47 -21.09
C PRO A 629 20.77 -32.84 -20.47
N GLN A 630 20.62 -32.14 -19.35
CA GLN A 630 21.73 -31.49 -18.69
C GLN A 630 22.40 -32.38 -17.64
N GLY A 631 21.86 -33.58 -17.40
CA GLY A 631 22.46 -34.47 -16.42
C GLY A 631 22.22 -33.98 -15.01
N TYR A 632 23.26 -34.11 -14.18
CA TYR A 632 23.16 -33.71 -12.77
C TYR A 632 23.14 -32.21 -12.59
N ASP A 633 23.39 -31.43 -13.64
CA ASP A 633 23.42 -29.98 -13.53
C ASP A 633 22.13 -29.33 -14.00
N THR A 634 21.04 -30.08 -14.03
CA THR A 634 19.75 -29.53 -14.44
C THR A 634 19.24 -28.58 -13.36
N GLU A 635 19.02 -27.33 -13.73
CA GLU A 635 18.50 -26.35 -12.78
C GLU A 635 17.05 -26.66 -12.43
N VAL A 636 16.67 -26.35 -11.20
CA VAL A 636 15.34 -26.59 -10.68
C VAL A 636 14.77 -25.27 -10.18
N ASP A 637 13.51 -24.99 -10.52
CA ASP A 637 12.85 -23.77 -10.07
C ASP A 637 12.42 -23.95 -8.60
N GLU A 638 11.72 -22.96 -8.07
CA GLU A 638 11.23 -23.03 -6.70
C GLU A 638 10.13 -24.07 -6.58
N ALA A 639 9.99 -24.63 -5.37
CA ALA A 639 8.97 -25.60 -4.99
C ALA A 639 9.06 -26.91 -5.74
N GLY A 640 10.08 -27.10 -6.58
CA GLY A 640 10.27 -28.35 -7.30
C GLY A 640 9.14 -28.67 -8.26
N SER A 641 8.64 -27.68 -9.00
CA SER A 641 7.58 -27.93 -9.96
C SER A 641 8.06 -28.69 -11.18
N GLN A 642 9.38 -28.78 -11.39
CA GLN A 642 9.93 -29.47 -12.54
C GLN A 642 10.00 -30.97 -12.36
N LEU A 643 9.68 -31.49 -11.17
CA LEU A 643 9.79 -32.90 -10.87
C LEU A 643 8.50 -33.41 -10.25
N SER A 644 8.28 -34.71 -10.39
CA SER A 644 7.09 -35.35 -9.84
C SER A 644 7.32 -35.68 -8.37
N GLY A 645 6.30 -36.25 -7.73
CA GLY A 645 6.42 -36.59 -6.31
C GLY A 645 7.44 -37.68 -6.06
N GLY A 646 7.44 -38.72 -6.91
CA GLY A 646 8.39 -39.80 -6.72
C GLY A 646 9.83 -39.36 -6.93
N GLN A 647 10.06 -38.48 -7.90
CA GLN A 647 11.40 -37.95 -8.10
C GLN A 647 11.85 -37.12 -6.91
N ARG A 648 10.93 -36.33 -6.33
CA ARG A 648 11.27 -35.57 -5.14
C ARG A 648 11.58 -36.47 -3.96
N GLN A 649 10.82 -37.56 -3.81
CA GLN A 649 11.13 -38.52 -2.75
C GLN A 649 12.50 -39.14 -2.95
N ALA A 650 12.82 -39.52 -4.19
CA ALA A 650 14.11 -40.12 -4.47
C ALA A 650 15.25 -39.14 -4.21
N VAL A 651 15.09 -37.89 -4.62
CA VAL A 651 16.16 -36.91 -4.40
C VAL A 651 16.30 -36.60 -2.91
N ALA A 652 15.20 -36.59 -2.16
CA ALA A 652 15.30 -36.38 -0.71
C ALA A 652 16.00 -37.55 -0.04
N LEU A 653 15.69 -38.78 -0.46
CA LEU A 653 16.37 -39.93 0.11
C LEU A 653 17.86 -39.92 -0.19
N ALA A 654 18.22 -39.57 -1.43
CA ALA A 654 19.64 -39.49 -1.77
C ALA A 654 20.34 -38.36 -1.03
N ARG A 655 19.63 -37.24 -0.81
CA ARG A 655 20.21 -36.14 -0.04
C ARG A 655 20.45 -36.55 1.40
N ALA A 656 19.51 -37.29 1.98
CA ALA A 656 19.68 -37.75 3.36
C ALA A 656 20.69 -38.88 3.48
N LEU A 657 21.00 -39.57 2.38
CA LEU A 657 21.93 -40.69 2.43
C LEU A 657 23.36 -40.31 2.10
N ILE A 658 23.62 -39.07 1.68
CA ILE A 658 24.96 -38.73 1.20
C ILE A 658 25.97 -38.68 2.34
N ARG A 659 25.54 -38.28 3.54
CA ARG A 659 26.45 -38.05 4.64
C ARG A 659 26.75 -39.32 5.44
N LYS A 660 26.13 -40.45 5.08
CA LYS A 660 26.25 -41.71 5.81
C LYS A 660 25.91 -41.48 7.29
N PRO A 661 24.65 -41.22 7.61
CA PRO A 661 24.29 -40.86 8.99
C PRO A 661 24.33 -42.07 9.91
N CYS A 662 24.37 -41.77 11.20
CA CYS A 662 24.31 -42.81 12.22
C CYS A 662 22.88 -43.15 12.62
N VAL A 663 21.98 -42.19 12.56
CA VAL A 663 20.57 -42.40 12.87
C VAL A 663 19.74 -41.88 11.70
N LEU A 664 19.00 -42.78 11.07
CA LEU A 664 18.21 -42.44 9.89
C LEU A 664 16.73 -42.53 10.21
N ILE A 665 16.01 -41.43 9.96
CA ILE A 665 14.58 -41.35 10.16
C ILE A 665 13.93 -41.30 8.79
N LEU A 666 13.00 -42.21 8.53
CA LEU A 666 12.30 -42.26 7.25
C LEU A 666 10.81 -42.14 7.55
N ASP A 667 10.30 -40.91 7.59
CA ASP A 667 8.91 -40.66 7.94
C ASP A 667 8.14 -40.35 6.65
N ASP A 668 7.26 -41.27 6.26
CA ASP A 668 6.43 -41.14 5.06
C ASP A 668 7.29 -40.95 3.80
N ALA A 669 8.39 -41.68 3.72
CA ALA A 669 9.22 -41.68 2.53
C ALA A 669 8.84 -42.77 1.53
N THR A 670 7.77 -43.50 1.80
CA THR A 670 7.30 -44.59 0.96
C THR A 670 5.79 -44.43 0.73
N SER A 671 5.39 -43.21 0.35
CA SER A 671 3.98 -42.87 0.19
C SER A 671 3.58 -42.70 -1.27
N ALA A 672 4.28 -41.84 -2.01
CA ALA A 672 3.97 -41.54 -3.40
C ALA A 672 5.19 -41.82 -4.27
N LEU A 673 5.80 -42.98 -4.06
CA LEU A 673 7.03 -43.37 -4.71
C LEU A 673 6.77 -44.49 -5.72
N ASP A 674 7.75 -44.68 -6.61
CA ASP A 674 7.67 -45.75 -7.60
C ASP A 674 7.94 -47.11 -6.94
N ALA A 675 7.51 -48.18 -7.61
CA ALA A 675 7.78 -49.52 -7.12
C ALA A 675 9.27 -49.81 -7.08
N ASN A 676 10.03 -49.28 -8.04
CA ASN A 676 11.48 -49.43 -8.01
C ASN A 676 12.08 -48.75 -6.79
N SER A 677 11.58 -47.55 -6.46
CA SER A 677 12.04 -46.87 -5.25
C SER A 677 11.68 -47.66 -4.01
N GLN A 678 10.49 -48.28 -4.00
CA GLN A 678 10.10 -49.13 -2.88
C GLN A 678 11.04 -50.31 -2.72
N LEU A 679 11.41 -50.94 -3.85
CA LEU A 679 12.35 -52.05 -3.79
C LEU A 679 13.72 -51.59 -3.32
N GLN A 680 14.16 -50.41 -3.75
CA GLN A 680 15.45 -49.88 -3.31
C GLN A 680 15.44 -49.62 -1.80
N VAL A 681 14.36 -49.03 -1.29
CA VAL A 681 14.25 -48.77 0.14
C VAL A 681 14.25 -50.08 0.92
N GLU A 682 13.49 -51.07 0.45
CA GLU A 682 13.42 -52.35 1.14
C GLU A 682 14.78 -53.04 1.14
N GLN A 683 15.53 -52.91 0.04
CA GLN A 683 16.87 -53.49 0.00
C GLN A 683 17.82 -52.76 0.93
N LEU A 684 17.70 -51.44 1.03
CA LEU A 684 18.57 -50.68 1.90
C LEU A 684 18.30 -50.97 3.37
N LEU A 685 17.03 -51.23 3.72
CA LEU A 685 16.68 -51.38 5.13
C LEU A 685 17.22 -52.68 5.71
N TYR A 686 17.13 -53.79 4.95
CA TYR A 686 17.35 -55.11 5.51
C TYR A 686 18.52 -55.85 4.90
N GLU A 687 18.70 -55.78 3.57
CA GLU A 687 19.73 -56.57 2.92
C GLU A 687 20.94 -55.75 2.48
N SER A 688 20.98 -54.47 2.77
CA SER A 688 22.16 -53.67 2.45
C SER A 688 23.30 -54.04 3.38
N PRO A 689 24.53 -54.12 2.87
CA PRO A 689 25.66 -54.50 3.74
C PRO A 689 26.05 -53.44 4.74
N GLU A 690 25.70 -52.17 4.52
CA GLU A 690 26.11 -51.09 5.40
C GLU A 690 25.07 -50.76 6.45
N ARG A 691 24.05 -51.60 6.62
CA ARG A 691 23.01 -51.34 7.62
C ARG A 691 23.53 -51.52 9.04
N TYR A 692 24.65 -52.23 9.23
CA TYR A 692 25.09 -52.57 10.57
C TYR A 692 25.53 -51.35 11.37
N SER A 693 25.93 -50.27 10.67
CA SER A 693 26.34 -49.04 11.33
C SER A 693 25.25 -47.98 11.32
N ARG A 694 24.00 -48.40 11.27
CA ARG A 694 22.88 -47.48 11.15
C ARG A 694 21.73 -47.96 12.02
N SER A 695 21.03 -47.00 12.63
CA SER A 695 19.81 -47.26 13.38
C SER A 695 18.68 -46.50 12.71
N VAL A 696 17.60 -47.22 12.36
CA VAL A 696 16.57 -46.70 11.48
C VAL A 696 15.25 -46.62 12.23
N LEU A 697 14.61 -45.46 12.17
CA LEU A 697 13.25 -45.27 12.65
C LEU A 697 12.37 -45.07 11.43
N LEU A 698 11.49 -46.04 11.17
CA LEU A 698 10.72 -46.09 9.94
C LEU A 698 9.24 -45.86 10.23
N ILE A 699 8.64 -44.90 9.54
CA ILE A 699 7.22 -44.60 9.65
C ILE A 699 6.62 -44.82 8.27
N THR A 700 5.78 -45.84 8.14
CA THR A 700 5.26 -46.21 6.83
C THR A 700 3.90 -46.88 6.98
N GLN A 701 3.18 -46.95 5.86
CA GLN A 701 1.87 -47.58 5.82
C GLN A 701 1.89 -48.88 5.00
N HIS A 702 3.06 -49.42 4.72
CA HIS A 702 3.19 -50.65 3.95
C HIS A 702 3.59 -51.78 4.90
N LEU A 703 2.77 -52.83 4.94
CA LEU A 703 2.97 -53.89 5.92
C LEU A 703 4.19 -54.76 5.59
N SER A 704 4.60 -54.80 4.32
CA SER A 704 5.74 -55.63 3.95
C SER A 704 7.02 -55.13 4.61
N LEU A 705 7.22 -53.82 4.65
CA LEU A 705 8.38 -53.27 5.34
C LEU A 705 8.22 -53.36 6.86
N VAL A 706 6.99 -53.28 7.36
CA VAL A 706 6.76 -53.32 8.79
C VAL A 706 7.08 -54.71 9.34
N GLU A 707 6.70 -55.76 8.60
CA GLU A 707 6.82 -57.12 9.12
C GLU A 707 8.27 -57.52 9.35
N GLN A 708 9.20 -57.04 8.53
CA GLN A 708 10.60 -57.41 8.66
C GLN A 708 11.33 -56.60 9.73
N ALA A 709 10.69 -55.59 10.31
CA ALA A 709 11.34 -54.77 11.32
C ALA A 709 11.57 -55.55 12.60
N ASP A 710 12.66 -55.22 13.29
CA ASP A 710 13.01 -55.94 14.51
C ASP A 710 12.05 -55.61 15.64
N HIS A 711 11.78 -54.32 15.86
CA HIS A 711 10.87 -53.87 16.90
C HIS A 711 9.75 -53.05 16.27
N ILE A 712 8.53 -53.27 16.74
CA ILE A 712 7.36 -52.55 16.26
C ILE A 712 6.74 -51.82 17.43
N LEU A 713 6.49 -50.53 17.25
CA LEU A 713 5.93 -49.68 18.31
C LEU A 713 4.64 -49.04 17.80
N PHE A 714 3.54 -49.32 18.49
CA PHE A 714 2.25 -48.74 18.17
C PHE A 714 2.02 -47.49 19.02
N LEU A 715 1.72 -46.38 18.35
CA LEU A 715 1.51 -45.10 19.02
C LEU A 715 0.05 -44.69 18.86
N GLU A 716 -0.61 -44.42 19.98
CA GLU A 716 -2.00 -43.95 19.96
C GLU A 716 -2.18 -42.98 21.12
N GLY A 717 -2.54 -41.74 20.80
CA GLY A 717 -2.73 -40.74 21.82
C GLY A 717 -1.46 -40.33 22.54
N GLY A 718 -0.31 -40.47 21.89
CA GLY A 718 0.94 -40.10 22.51
C GLY A 718 1.44 -41.06 23.56
N ALA A 719 0.97 -42.31 23.53
CA ALA A 719 1.42 -43.32 24.49
C ALA A 719 1.65 -44.63 23.76
N ILE A 720 2.51 -45.46 24.34
CA ILE A 720 2.84 -46.77 23.79
C ILE A 720 1.98 -47.81 24.50
N ARG A 721 1.18 -48.54 23.73
CA ARG A 721 0.34 -49.60 24.27
C ARG A 721 0.76 -51.00 23.83
N GLU A 722 1.18 -51.15 22.57
CA GLU A 722 1.61 -52.43 22.03
C GLU A 722 3.04 -52.30 21.54
N GLY A 723 3.91 -53.17 22.05
CA GLY A 723 5.30 -53.16 21.64
C GLY A 723 5.86 -54.56 21.60
N GLY A 724 6.81 -54.77 20.70
CA GLY A 724 7.45 -56.05 20.51
C GLY A 724 7.58 -56.36 19.03
N THR A 725 7.93 -57.62 18.75
CA THR A 725 8.15 -58.04 17.37
C THR A 725 6.81 -58.27 16.68
N HIS A 726 6.88 -58.71 15.42
CA HIS A 726 5.65 -58.93 14.66
C HIS A 726 4.90 -60.17 15.14
N GLN A 727 5.64 -61.23 15.48
CA GLN A 727 4.99 -62.45 15.93
C GLN A 727 4.32 -62.27 17.29
N GLN A 728 4.98 -61.55 18.20
CA GLN A 728 4.39 -61.30 19.51
C GLN A 728 3.12 -60.46 19.38
N LEU A 729 3.16 -59.44 18.52
CA LEU A 729 1.97 -58.62 18.33
C LEU A 729 0.86 -59.37 17.63
N MET A 730 1.21 -60.29 16.72
CA MET A 730 0.20 -61.16 16.11
C MET A 730 -0.45 -62.06 17.16
N GLU A 731 0.35 -62.62 18.06
CA GLU A 731 -0.19 -63.42 19.14
C GLU A 731 -1.00 -62.59 20.14
N LYS A 732 -0.72 -61.29 20.23
CA LYS A 732 -1.46 -60.43 21.14
C LYS A 732 -2.93 -60.30 20.73
N LYS A 733 -3.18 -60.27 19.42
CA LYS A 733 -4.53 -60.08 18.86
C LYS A 733 -5.15 -58.78 19.35
N GLY A 734 -4.41 -57.69 19.16
CA GLY A 734 -4.86 -56.38 19.62
C GLY A 734 -5.04 -55.36 18.52
N CYS A 735 -4.57 -54.14 18.76
CA CYS A 735 -4.74 -53.07 17.77
C CYS A 735 -3.97 -53.34 16.49
N TYR A 736 -2.75 -53.87 16.62
CA TYR A 736 -1.96 -54.18 15.43
C TYR A 736 -2.59 -55.28 14.60
N TRP A 737 -3.20 -56.27 15.26
CA TRP A 737 -3.90 -57.32 14.53
C TRP A 737 -5.09 -56.75 13.74
N ALA A 738 -5.83 -55.82 14.34
CA ALA A 738 -6.92 -55.17 13.64
C ALA A 738 -6.41 -54.33 12.47
N MET A 739 -5.28 -53.65 12.65
CA MET A 739 -4.69 -52.88 11.57
C MET A 739 -4.26 -53.78 10.42
N VAL A 740 -3.67 -54.93 10.73
CA VAL A 740 -3.26 -55.87 9.69
C VAL A 740 -4.49 -56.42 8.96
N GLN A 741 -5.54 -56.77 9.70
CA GLN A 741 -6.74 -57.31 9.08
C GLN A 741 -7.48 -56.27 8.25
N ALA A 742 -7.38 -55.00 8.63
CA ALA A 742 -8.05 -53.93 7.89
C ALA A 742 -7.38 -53.73 6.53
N GLN B 131 -1.25 6.10 -27.76
CA GLN B 131 -1.83 6.20 -26.43
C GLN B 131 -2.92 7.27 -26.38
N VAL B 132 -4.09 6.95 -26.94
CA VAL B 132 -5.21 7.89 -26.96
C VAL B 132 -6.14 7.71 -25.76
N ASN B 133 -5.95 6.64 -24.97
CA ASN B 133 -6.79 6.46 -23.78
C ASN B 133 -6.59 7.58 -22.78
N ASN B 134 -5.34 7.97 -22.55
CA ASN B 134 -5.08 9.09 -21.65
C ASN B 134 -5.62 10.39 -22.21
N LYS B 135 -5.55 10.58 -23.53
CA LYS B 135 -6.09 11.80 -24.13
C LYS B 135 -7.60 11.89 -23.95
N VAL B 136 -8.31 10.79 -24.20
CA VAL B 136 -9.76 10.84 -24.03
C VAL B 136 -10.14 10.96 -22.56
N LEU B 137 -9.33 10.39 -21.66
CA LEU B 137 -9.58 10.56 -20.23
C LEU B 137 -9.42 12.03 -19.83
N MET B 138 -8.38 12.70 -20.34
CA MET B 138 -8.21 14.10 -20.00
C MET B 138 -9.30 14.96 -20.64
N TRP B 139 -9.78 14.57 -21.83
CA TRP B 139 -10.91 15.29 -22.42
C TRP B 139 -12.16 15.13 -21.58
N ARG B 140 -12.40 13.93 -21.06
CA ARG B 140 -13.53 13.71 -20.16
C ARG B 140 -13.39 14.56 -18.90
N LEU B 141 -12.19 14.65 -18.35
CA LEU B 141 -11.97 15.47 -17.16
C LEU B 141 -12.24 16.94 -17.44
N LEU B 142 -11.78 17.43 -18.59
CA LEU B 142 -12.04 18.82 -18.96
C LEU B 142 -13.54 19.07 -19.14
N LYS B 143 -14.24 18.14 -19.79
CA LYS B 143 -15.68 18.28 -19.94
C LYS B 143 -16.39 18.27 -18.61
N LEU B 144 -15.93 17.46 -17.67
CA LEU B 144 -16.50 17.46 -16.33
C LEU B 144 -16.27 18.79 -15.62
N SER B 145 -15.08 19.35 -15.75
CA SER B 145 -14.74 20.60 -15.09
C SER B 145 -15.21 21.83 -15.84
N ARG B 146 -15.86 21.65 -16.98
CA ARG B 146 -16.38 22.78 -17.76
C ARG B 146 -17.20 23.81 -16.98
N PRO B 147 -18.15 23.44 -16.09
CA PRO B 147 -18.98 24.49 -15.47
C PRO B 147 -18.27 25.36 -14.44
N ASP B 148 -16.96 25.23 -14.31
CA ASP B 148 -16.17 26.05 -13.40
C ASP B 148 -15.28 27.04 -14.14
N LEU B 149 -15.78 27.56 -15.26
CA LEU B 149 -14.99 28.50 -16.05
C LEU B 149 -14.68 29.81 -15.34
N PRO B 150 -15.65 30.51 -14.72
CA PRO B 150 -15.31 31.81 -14.11
C PRO B 150 -14.29 31.72 -12.99
N LEU B 151 -14.35 30.66 -12.17
CA LEU B 151 -13.37 30.52 -11.10
C LEU B 151 -11.98 30.34 -11.67
N LEU B 152 -11.83 29.51 -12.71
CA LEU B 152 -10.52 29.30 -13.31
C LEU B 152 -10.01 30.56 -13.97
N VAL B 153 -10.90 31.33 -14.62
CA VAL B 153 -10.47 32.58 -15.26
C VAL B 153 -9.99 33.57 -14.21
N ALA B 154 -10.74 33.71 -13.11
CA ALA B 154 -10.33 34.64 -12.06
C ALA B 154 -9.03 34.20 -11.42
N ALA B 155 -8.84 32.89 -11.20
CA ALA B 155 -7.60 32.39 -10.64
C ALA B 155 -6.43 32.68 -11.57
N PHE B 156 -6.63 32.49 -12.87
CA PHE B 156 -5.56 32.77 -13.83
C PHE B 156 -5.19 34.25 -13.82
N PHE B 157 -6.21 35.12 -13.78
CA PHE B 157 -5.95 36.56 -13.73
C PHE B 157 -5.18 36.94 -12.48
N PHE B 158 -5.56 36.39 -11.33
CA PHE B 158 -4.85 36.68 -10.10
C PHE B 158 -3.43 36.15 -10.12
N LEU B 159 -3.23 34.98 -10.73
CA LEU B 159 -1.87 34.44 -10.85
C LEU B 159 -0.99 35.32 -11.72
N VAL B 160 -1.54 35.82 -12.83
CA VAL B 160 -0.79 36.73 -13.69
C VAL B 160 -0.43 38.00 -12.92
N LEU B 161 -1.39 38.55 -12.18
CA LEU B 161 -1.11 39.75 -11.38
C LEU B 161 -0.02 39.49 -10.35
N ALA B 162 -0.07 38.34 -9.68
CA ALA B 162 0.92 38.04 -8.65
C ALA B 162 2.31 37.89 -9.26
N VAL B 163 2.42 37.20 -10.39
CA VAL B 163 3.73 37.03 -11.01
C VAL B 163 4.28 38.37 -11.49
N LEU B 164 3.43 39.19 -12.10
CA LEU B 164 3.89 40.50 -12.57
C LEU B 164 4.32 41.37 -11.40
N GLY B 165 3.60 41.33 -10.28
CA GLY B 165 3.99 42.10 -9.13
C GLY B 165 5.29 41.59 -8.51
N GLU B 166 5.49 40.28 -8.52
CA GLU B 166 6.68 39.72 -7.90
C GLU B 166 7.91 40.05 -8.73
N THR B 167 7.82 39.94 -10.06
CA THR B 167 9.01 40.11 -10.89
C THR B 167 9.54 41.53 -10.93
N LEU B 168 8.79 42.51 -10.41
CA LEU B 168 9.26 43.89 -10.40
C LEU B 168 10.20 44.19 -9.24
N ILE B 169 10.28 43.30 -8.25
CA ILE B 169 11.08 43.55 -7.04
C ILE B 169 12.56 43.67 -7.35
N PRO B 170 13.21 42.74 -8.08
CA PRO B 170 14.64 42.93 -8.36
C PRO B 170 14.94 44.13 -9.24
N HIS B 171 14.03 44.50 -10.14
CA HIS B 171 14.25 45.70 -10.95
C HIS B 171 14.32 46.94 -10.09
N TYR B 172 13.41 47.05 -9.12
CA TYR B 172 13.44 48.21 -8.23
C TYR B 172 14.60 48.13 -7.26
N SER B 173 15.05 46.92 -6.91
CA SER B 173 16.26 46.78 -6.12
C SER B 173 17.46 47.33 -6.89
N GLY B 174 17.55 47.00 -8.18
CA GLY B 174 18.62 47.56 -8.99
C GLY B 174 18.52 49.06 -9.11
N ARG B 175 17.29 49.58 -9.22
CA ARG B 175 17.11 51.03 -9.26
C ARG B 175 17.60 51.69 -7.97
N VAL B 176 17.31 51.07 -6.83
CA VAL B 176 17.76 51.62 -5.55
C VAL B 176 19.29 51.58 -5.47
N ILE B 177 19.90 50.48 -5.90
CA ILE B 177 21.35 50.36 -5.86
C ILE B 177 21.99 51.43 -6.74
N ASP B 178 21.42 51.66 -7.92
CA ASP B 178 21.95 52.71 -8.79
C ASP B 178 21.72 54.10 -8.19
N ILE B 179 20.64 54.29 -7.45
CA ILE B 179 20.38 55.58 -6.82
C ILE B 179 21.41 55.87 -5.73
N LEU B 180 21.74 54.84 -4.93
CA LEU B 180 22.64 55.05 -3.80
C LEU B 180 24.03 55.49 -4.26
N GLY B 181 24.52 54.91 -5.34
CA GLY B 181 25.79 55.34 -5.88
C GLY B 181 25.71 56.74 -6.48
N GLY B 182 26.85 57.41 -6.53
CA GLY B 182 26.86 58.77 -7.02
C GLY B 182 26.26 59.73 -6.02
N ASP B 183 25.74 60.84 -6.54
CA ASP B 183 25.11 61.84 -5.68
C ASP B 183 23.80 61.33 -5.12
N PHE B 184 23.50 61.72 -3.88
CA PHE B 184 22.30 61.25 -3.21
C PHE B 184 21.08 62.07 -3.61
N ASP B 185 19.91 61.48 -3.44
CA ASP B 185 18.65 62.14 -3.73
C ASP B 185 17.57 61.49 -2.87
N PRO B 186 17.24 62.07 -1.72
CA PRO B 186 16.30 61.41 -0.80
C PRO B 186 14.92 61.18 -1.39
N HIS B 187 14.45 62.07 -2.26
CA HIS B 187 13.11 61.91 -2.84
C HIS B 187 13.03 60.66 -3.69
N ALA B 188 14.05 60.41 -4.51
CA ALA B 188 14.05 59.21 -5.34
C ALA B 188 14.11 57.96 -4.49
N PHE B 189 14.90 57.99 -3.42
CA PHE B 189 15.01 56.83 -2.54
C PHE B 189 13.68 56.53 -1.87
N ALA B 190 13.02 57.56 -1.34
CA ALA B 190 11.72 57.36 -0.70
C ALA B 190 10.68 56.86 -1.69
N SER B 191 10.69 57.43 -2.91
CA SER B 191 9.74 56.98 -3.93
C SER B 191 9.96 55.52 -4.29
N ALA B 192 11.22 55.11 -4.43
CA ALA B 192 11.52 53.72 -4.78
C ALA B 192 11.08 52.78 -3.67
N ILE B 193 11.35 53.14 -2.42
CA ILE B 193 10.93 52.27 -1.32
C ILE B 193 9.41 52.18 -1.24
N PHE B 194 8.72 53.29 -1.43
CA PHE B 194 7.26 53.28 -1.40
C PHE B 194 6.68 52.39 -2.49
N PHE B 195 7.23 52.50 -3.70
CA PHE B 195 6.75 51.65 -4.79
C PHE B 195 7.06 50.18 -4.53
N MET B 196 8.22 49.90 -3.94
CA MET B 196 8.55 48.53 -3.56
C MET B 196 7.49 47.95 -2.61
N CYS B 197 7.15 48.71 -1.57
CA CYS B 197 6.16 48.24 -0.61
C CYS B 197 4.80 48.03 -1.26
N LEU B 198 4.39 48.97 -2.11
CA LEU B 198 3.08 48.86 -2.76
C LEU B 198 3.01 47.64 -3.65
N PHE B 199 4.05 47.40 -4.46
CA PHE B 199 4.05 46.24 -5.34
C PHE B 199 4.07 44.94 -4.55
N SER B 200 4.83 44.90 -3.44
CA SER B 200 4.84 43.70 -2.62
C SER B 200 3.45 43.40 -2.06
N PHE B 201 2.76 44.44 -1.57
CA PHE B 201 1.42 44.27 -1.03
C PHE B 201 0.47 43.72 -2.10
N GLY B 202 0.51 44.32 -3.29
CA GLY B 202 -0.38 43.88 -4.36
C GLY B 202 -0.11 42.44 -4.77
N SER B 203 1.17 42.08 -4.90
CA SER B 203 1.51 40.71 -5.29
C SER B 203 1.04 39.70 -4.25
N SER B 204 1.23 40.02 -2.96
CA SER B 204 0.79 39.08 -1.91
C SER B 204 -0.72 38.92 -1.94
N LEU B 205 -1.46 40.02 -2.10
CA LEU B 205 -2.92 39.94 -2.14
C LEU B 205 -3.39 39.07 -3.32
N SER B 206 -2.79 39.28 -4.50
CA SER B 206 -3.20 38.50 -5.66
C SER B 206 -2.86 37.02 -5.47
N ALA B 207 -1.72 36.72 -4.88
CA ALA B 207 -1.36 35.32 -4.64
C ALA B 207 -2.35 34.65 -3.70
N GLY B 208 -2.74 35.35 -2.64
CA GLY B 208 -3.73 34.79 -1.72
C GLY B 208 -5.06 34.51 -2.40
N CYS B 209 -5.52 35.46 -3.21
CA CYS B 209 -6.78 35.27 -3.91
C CYS B 209 -6.71 34.09 -4.88
N ARG B 210 -5.58 33.95 -5.59
CA ARG B 210 -5.42 32.83 -6.51
C ARG B 210 -5.48 31.49 -5.78
N GLY B 211 -4.77 31.40 -4.65
CA GLY B 211 -4.81 30.15 -3.88
C GLY B 211 -6.21 29.81 -3.40
N GLY B 212 -6.94 30.81 -2.90
CA GLY B 212 -8.30 30.56 -2.46
C GLY B 212 -9.20 30.07 -3.57
N CYS B 213 -9.10 30.70 -4.76
CA CYS B 213 -9.93 30.30 -5.89
C CYS B 213 -9.62 28.87 -6.31
N PHE B 214 -8.35 28.51 -6.36
CA PHE B 214 -7.99 27.16 -6.78
C PHE B 214 -8.49 26.11 -5.78
N THR B 215 -8.37 26.38 -4.48
CA THR B 215 -8.87 25.42 -3.50
C THR B 215 -10.40 25.27 -3.60
N TYR B 216 -11.10 26.39 -3.78
CA TYR B 216 -12.56 26.30 -3.88
C TYR B 216 -12.98 25.50 -5.11
N THR B 217 -12.30 25.69 -6.24
CA THR B 217 -12.67 24.92 -7.42
C THR B 217 -12.33 23.44 -7.25
N MET B 218 -11.27 23.12 -6.51
CA MET B 218 -11.00 21.73 -6.15
C MET B 218 -12.20 21.13 -5.42
N SER B 219 -12.68 21.82 -4.39
CA SER B 219 -13.78 21.27 -3.59
C SER B 219 -15.04 21.13 -4.42
N ARG B 220 -15.34 22.11 -5.28
CA ARG B 220 -16.54 22.05 -6.11
C ARG B 220 -16.49 20.86 -7.06
N ILE B 221 -15.33 20.64 -7.70
CA ILE B 221 -15.20 19.51 -8.62
C ILE B 221 -15.40 18.20 -7.86
N ASN B 222 -14.82 18.11 -6.65
CA ASN B 222 -14.96 16.88 -5.87
C ASN B 222 -16.43 16.58 -5.56
N LEU B 223 -17.16 17.60 -5.10
CA LEU B 223 -18.58 17.38 -4.77
C LEU B 223 -19.38 16.99 -6.00
N ARG B 224 -19.14 17.67 -7.12
CA ARG B 224 -19.91 17.37 -8.33
C ARG B 224 -19.64 15.95 -8.82
N ILE B 225 -18.38 15.52 -8.83
CA ILE B 225 -18.10 14.18 -9.32
C ILE B 225 -18.64 13.12 -8.38
N ARG B 226 -18.61 13.36 -7.06
CA ARG B 226 -19.17 12.39 -6.14
C ARG B 226 -20.67 12.22 -6.36
N GLU B 227 -21.39 13.33 -6.50
CA GLU B 227 -22.83 13.25 -6.74
C GLU B 227 -23.14 12.56 -8.06
N GLN B 228 -22.38 12.89 -9.12
CA GLN B 228 -22.63 12.27 -10.41
C GLN B 228 -22.38 10.77 -10.37
N LEU B 229 -21.31 10.34 -9.71
CA LEU B 229 -21.03 8.91 -9.62
C LEU B 229 -22.12 8.18 -8.86
N PHE B 230 -22.58 8.75 -7.74
CA PHE B 230 -23.63 8.07 -6.97
C PHE B 230 -24.92 7.97 -7.78
N SER B 231 -25.30 9.06 -8.47
CA SER B 231 -26.53 9.02 -9.26
C SER B 231 -26.42 8.02 -10.40
N SER B 232 -25.24 7.89 -11.01
CA SER B 232 -25.07 6.92 -12.07
C SER B 232 -25.10 5.49 -11.53
N LEU B 233 -24.51 5.26 -10.37
CA LEU B 233 -24.47 3.93 -9.79
C LEU B 233 -25.82 3.49 -9.26
N LEU B 234 -26.71 4.42 -8.93
CA LEU B 234 -27.99 4.04 -8.35
C LEU B 234 -28.93 3.38 -9.32
N ARG B 235 -28.62 3.35 -10.62
CA ARG B 235 -29.54 2.82 -11.62
C ARG B 235 -29.08 1.48 -12.21
N GLN B 236 -28.09 0.84 -11.61
CA GLN B 236 -27.58 -0.42 -12.15
C GLN B 236 -28.53 -1.57 -11.79
N ASP B 237 -28.33 -2.70 -12.48
CA ASP B 237 -29.13 -3.89 -12.24
C ASP B 237 -28.61 -4.63 -11.02
N LEU B 238 -29.44 -5.56 -10.53
CA LEU B 238 -29.12 -6.28 -9.30
C LEU B 238 -27.93 -7.20 -9.48
N GLY B 239 -27.75 -7.78 -10.68
CA GLY B 239 -26.64 -8.67 -10.92
C GLY B 239 -25.29 -7.99 -10.79
N PHE B 240 -25.21 -6.72 -11.18
CA PHE B 240 -23.97 -5.97 -11.03
C PHE B 240 -23.59 -5.84 -9.56
N PHE B 241 -24.58 -5.55 -8.70
CA PHE B 241 -24.30 -5.45 -7.28
C PHE B 241 -23.97 -6.81 -6.67
N GLN B 242 -24.60 -7.87 -7.15
CA GLN B 242 -24.27 -9.21 -6.67
C GLN B 242 -22.85 -9.59 -7.04
N GLU B 243 -22.41 -9.23 -8.25
CA GLU B 243 -21.06 -9.57 -8.69
C GLU B 243 -20.01 -8.76 -7.94
N THR B 244 -20.22 -7.45 -7.81
CA THR B 244 -19.24 -6.56 -7.22
C THR B 244 -19.28 -6.64 -5.69
N LYS B 245 -18.36 -5.93 -5.05
CA LYS B 245 -18.25 -5.91 -3.61
C LYS B 245 -18.46 -4.49 -3.09
N THR B 246 -19.00 -4.40 -1.87
CA THR B 246 -19.25 -3.09 -1.27
C THR B 246 -17.95 -2.36 -0.97
N GLY B 247 -16.92 -3.09 -0.55
CA GLY B 247 -15.65 -2.46 -0.25
C GLY B 247 -15.01 -1.83 -1.46
N GLU B 248 -15.10 -2.50 -2.61
CA GLU B 248 -14.56 -1.92 -3.85
C GLU B 248 -15.30 -0.64 -4.23
N LEU B 249 -16.63 -0.65 -4.10
CA LEU B 249 -17.39 0.56 -4.40
C LEU B 249 -17.04 1.69 -3.44
N ASN B 250 -16.85 1.38 -2.16
CA ASN B 250 -16.44 2.40 -1.20
C ASN B 250 -15.07 2.96 -1.55
N SER B 251 -14.14 2.09 -1.95
CA SER B 251 -12.81 2.55 -2.33
C SER B 251 -12.86 3.44 -3.55
N ARG B 252 -13.70 3.09 -4.54
CA ARG B 252 -13.80 3.92 -5.74
C ARG B 252 -14.45 5.25 -5.44
N LEU B 253 -15.49 5.25 -4.59
CA LEU B 253 -16.23 6.48 -4.33
C LEU B 253 -15.46 7.44 -3.43
N SER B 254 -14.83 6.93 -2.37
CA SER B 254 -14.27 7.81 -1.35
C SER B 254 -12.81 8.15 -1.56
N SER B 255 -12.14 7.56 -2.55
CA SER B 255 -10.72 7.81 -2.75
C SER B 255 -10.39 8.41 -4.10
N ASP B 256 -10.91 7.84 -5.19
CA ASP B 256 -10.50 8.26 -6.52
C ASP B 256 -11.07 9.64 -6.89
N THR B 257 -12.22 9.99 -6.31
CA THR B 257 -12.81 11.30 -6.61
C THR B 257 -11.92 12.43 -6.14
N THR B 258 -11.27 12.26 -4.99
CA THR B 258 -10.34 13.28 -4.51
C THR B 258 -9.17 13.45 -5.47
N LEU B 259 -8.64 12.35 -6.01
CA LEU B 259 -7.56 12.44 -6.99
C LEU B 259 -8.02 13.14 -8.26
N MET B 260 -9.24 12.84 -8.73
CA MET B 260 -9.76 13.51 -9.92
C MET B 260 -9.92 14.99 -9.68
N SER B 261 -10.39 15.37 -8.50
CA SER B 261 -10.55 16.78 -8.18
C SER B 261 -9.19 17.48 -8.11
N ASN B 262 -8.18 16.81 -7.56
CA ASN B 262 -6.87 17.42 -7.45
C ASN B 262 -6.10 17.45 -8.76
N TRP B 263 -6.50 16.64 -9.74
CA TRP B 263 -5.70 16.54 -10.96
C TRP B 263 -5.65 17.85 -11.74
N LEU B 264 -6.82 18.43 -12.03
CA LEU B 264 -6.83 19.54 -12.99
C LEU B 264 -6.28 20.85 -12.44
N PRO B 265 -6.83 21.43 -11.37
CA PRO B 265 -6.40 22.78 -10.99
C PRO B 265 -4.95 22.85 -10.57
N LEU B 266 -4.40 21.80 -9.95
CA LEU B 266 -3.00 21.83 -9.56
C LEU B 266 -2.08 21.88 -10.77
N ASN B 267 -2.32 21.00 -11.75
CA ASN B 267 -1.50 21.00 -12.96
C ASN B 267 -1.68 22.29 -13.75
N ALA B 268 -2.91 22.79 -13.81
CA ALA B 268 -3.16 24.05 -14.51
C ALA B 268 -2.41 25.20 -13.86
N ASN B 269 -2.42 25.25 -12.52
CA ASN B 269 -1.70 26.29 -11.81
C ASN B 269 -0.21 26.19 -12.07
N VAL B 270 0.35 24.98 -12.03
CA VAL B 270 1.78 24.80 -12.25
C VAL B 270 2.17 25.25 -13.66
N LEU B 271 1.40 24.81 -14.66
CA LEU B 271 1.71 25.14 -16.04
C LEU B 271 1.60 26.64 -16.30
N LEU B 272 0.52 27.26 -15.82
CA LEU B 272 0.33 28.68 -16.04
C LEU B 272 1.41 29.50 -15.35
N ARG B 273 1.76 29.13 -14.11
CA ARG B 273 2.80 29.85 -13.40
C ARG B 273 4.13 29.74 -14.12
N SER B 274 4.48 28.54 -14.58
CA SER B 274 5.76 28.36 -15.29
C SER B 274 5.79 29.18 -16.56
N LEU B 275 4.71 29.14 -17.35
CA LEU B 275 4.70 29.85 -18.62
C LEU B 275 4.79 31.36 -18.42
N VAL B 276 3.98 31.90 -17.50
CA VAL B 276 3.98 33.33 -17.27
C VAL B 276 5.32 33.78 -16.71
N LYS B 277 5.90 33.01 -15.79
CA LYS B 277 7.19 33.36 -15.23
C LYS B 277 8.27 33.38 -16.30
N VAL B 278 8.29 32.39 -17.19
CA VAL B 278 9.30 32.35 -18.24
C VAL B 278 9.17 33.56 -19.16
N VAL B 279 7.93 33.85 -19.58
CA VAL B 279 7.72 34.96 -20.52
C VAL B 279 8.12 36.28 -19.87
N GLY B 280 7.71 36.51 -18.63
CA GLY B 280 8.05 37.76 -17.97
C GLY B 280 9.54 37.92 -17.72
N LEU B 281 10.20 36.85 -17.27
CA LEU B 281 11.63 36.92 -17.02
C LEU B 281 12.40 37.22 -18.29
N TYR B 282 12.04 36.56 -19.40
CA TYR B 282 12.77 36.80 -20.63
C TYR B 282 12.46 38.17 -21.21
N GLY B 283 11.25 38.68 -21.00
CA GLY B 283 10.95 40.05 -21.36
C GLY B 283 11.83 41.03 -20.60
N PHE B 284 12.06 40.76 -19.31
CA PHE B 284 12.92 41.64 -18.54
C PHE B 284 14.38 41.52 -18.96
N MET B 285 14.84 40.31 -19.32
CA MET B 285 16.17 40.17 -19.92
C MET B 285 16.30 41.03 -21.16
N LEU B 286 15.31 40.97 -22.04
CA LEU B 286 15.37 41.78 -23.26
C LEU B 286 15.34 43.26 -22.95
N SER B 287 14.61 43.65 -21.90
CA SER B 287 14.58 45.06 -21.51
C SER B 287 15.95 45.52 -21.02
N ILE B 288 16.64 44.69 -20.24
CA ILE B 288 17.92 45.10 -19.66
C ILE B 288 19.01 45.14 -20.72
N SER B 289 19.28 44.01 -21.35
CA SER B 289 20.31 43.93 -22.38
C SER B 289 20.11 42.68 -23.23
N PRO B 290 20.16 42.79 -24.56
CA PRO B 290 19.90 41.62 -25.40
C PRO B 290 21.10 40.71 -25.58
N ARG B 291 22.31 41.27 -25.52
CA ARG B 291 23.51 40.47 -25.75
C ARG B 291 23.70 39.43 -24.65
N LEU B 292 23.58 39.85 -23.39
CA LEU B 292 23.65 38.90 -22.30
C LEU B 292 22.49 37.90 -22.34
N THR B 293 21.34 38.32 -22.86
CA THR B 293 20.23 37.39 -23.03
C THR B 293 20.58 36.30 -24.03
N LEU B 294 21.21 36.67 -25.15
CA LEU B 294 21.64 35.66 -26.11
C LEU B 294 22.68 34.73 -25.51
N LEU B 295 23.61 35.29 -24.74
CA LEU B 295 24.61 34.46 -24.07
C LEU B 295 23.95 33.48 -23.12
N SER B 296 22.92 33.92 -22.39
CA SER B 296 22.19 33.01 -21.51
C SER B 296 21.45 31.94 -22.31
N LEU B 297 20.83 32.32 -23.42
CA LEU B 297 20.06 31.38 -24.22
C LEU B 297 20.94 30.33 -24.90
N LEU B 298 22.23 30.63 -25.09
CA LEU B 298 23.14 29.65 -25.66
C LEU B 298 23.32 28.42 -24.77
N HIS B 299 22.93 28.49 -23.51
CA HIS B 299 23.26 27.45 -22.53
C HIS B 299 22.38 26.21 -22.72
N MET B 300 21.10 26.40 -23.07
CA MET B 300 20.10 25.35 -22.94
C MET B 300 20.40 24.03 -23.66
N PRO B 301 20.79 24.00 -24.95
CA PRO B 301 20.86 22.71 -25.65
C PRO B 301 21.80 21.69 -25.02
N PHE B 302 22.95 22.13 -24.51
CA PHE B 302 23.87 21.21 -23.85
C PHE B 302 23.23 20.60 -22.61
N THR B 303 22.52 21.42 -21.84
CA THR B 303 21.81 20.91 -20.67
C THR B 303 20.77 19.87 -21.06
N ILE B 304 20.03 20.15 -22.13
CA ILE B 304 18.97 19.22 -22.57
C ILE B 304 19.59 17.89 -23.00
N ALA B 305 20.67 17.94 -23.78
CA ALA B 305 21.31 16.72 -24.24
C ALA B 305 21.88 15.91 -23.08
N ALA B 306 22.53 16.60 -22.13
CA ALA B 306 23.08 15.90 -20.97
C ALA B 306 21.97 15.24 -20.15
N GLU B 307 20.86 15.95 -19.96
CA GLU B 307 19.74 15.38 -19.21
C GLU B 307 19.19 14.14 -19.90
N LYS B 308 19.03 14.19 -21.22
CA LYS B 308 18.52 13.03 -21.95
C LYS B 308 19.45 11.83 -21.84
N VAL B 309 20.76 12.07 -22.00
CA VAL B 309 21.72 10.96 -21.94
C VAL B 309 21.73 10.36 -20.53
N TYR B 310 21.72 11.21 -19.51
CA TYR B 310 21.74 10.72 -18.13
C TYR B 310 20.49 9.91 -17.83
N ASN B 311 19.32 10.36 -18.29
CA ASN B 311 18.10 9.60 -18.05
C ASN B 311 18.13 8.26 -18.76
N THR B 312 18.65 8.23 -19.99
CA THR B 312 18.71 6.98 -20.73
C THR B 312 19.61 5.96 -20.03
N ARG B 313 20.76 6.40 -19.51
CA ARG B 313 21.61 5.47 -18.77
C ARG B 313 20.98 5.06 -17.44
N HIS B 314 20.34 6.02 -16.76
CA HIS B 314 19.78 5.76 -15.44
C HIS B 314 18.64 4.75 -15.50
N GLN B 315 17.86 4.74 -16.57
CA GLN B 315 16.78 3.76 -16.68
C GLN B 315 17.32 2.34 -16.69
N GLU B 316 18.37 2.10 -17.48
CA GLU B 316 18.98 0.78 -17.54
C GLU B 316 19.60 0.39 -16.22
N VAL B 317 20.27 1.36 -15.55
CA VAL B 317 20.87 1.06 -14.26
C VAL B 317 19.80 0.69 -13.24
N LEU B 318 18.66 1.39 -13.27
CA LEU B 318 17.57 1.09 -12.36
C LEU B 318 16.98 -0.29 -12.63
N ARG B 319 16.87 -0.67 -13.90
CA ARG B 319 16.39 -2.00 -14.23
C ARG B 319 17.32 -3.07 -13.68
N GLU B 320 18.63 -2.86 -13.83
CA GLU B 320 19.59 -3.81 -13.26
C GLU B 320 19.48 -3.88 -11.74
N ILE B 321 19.26 -2.73 -11.11
CA ILE B 321 19.10 -2.68 -9.65
C ILE B 321 17.90 -3.51 -9.22
N GLN B 322 16.77 -3.34 -9.94
CA GLN B 322 15.57 -4.09 -9.61
C GLN B 322 15.79 -5.59 -9.78
N ASP B 323 16.45 -5.99 -10.86
CA ASP B 323 16.71 -7.42 -11.06
C ASP B 323 17.59 -7.97 -9.95
N ALA B 324 18.65 -7.25 -9.58
CA ALA B 324 19.56 -7.73 -8.54
C ALA B 324 18.86 -7.82 -7.19
N VAL B 325 18.03 -6.84 -6.85
CA VAL B 325 17.36 -6.89 -5.56
C VAL B 325 16.30 -7.97 -5.53
N ALA B 326 15.66 -8.26 -6.67
CA ALA B 326 14.74 -9.40 -6.71
C ALA B 326 15.47 -10.72 -6.50
N ARG B 327 16.63 -10.87 -7.15
CA ARG B 327 17.43 -12.07 -6.95
C ARG B 327 17.90 -12.20 -5.50
N ALA B 328 18.23 -11.08 -4.87
CA ALA B 328 18.66 -11.12 -3.46
C ALA B 328 17.50 -11.49 -2.54
N GLY B 329 16.31 -10.95 -2.79
CA GLY B 329 15.17 -11.31 -1.97
C GLY B 329 14.69 -12.73 -2.17
N GLN B 330 15.00 -13.32 -3.33
CA GLN B 330 14.59 -14.70 -3.57
C GLN B 330 15.21 -15.66 -2.57
N VAL B 331 16.50 -15.47 -2.25
CA VAL B 331 17.18 -16.42 -1.38
C VAL B 331 16.66 -16.30 0.05
N VAL B 332 16.38 -15.09 0.53
CA VAL B 332 15.86 -14.95 1.89
C VAL B 332 14.44 -15.48 1.98
N ARG B 333 13.63 -15.28 0.93
CA ARG B 333 12.30 -15.86 0.92
C ARG B 333 12.36 -17.39 0.95
N GLU B 334 13.24 -17.98 0.13
CA GLU B 334 13.37 -19.42 0.09
C GLU B 334 13.86 -19.99 1.41
N ALA B 335 14.84 -19.32 2.04
CA ALA B 335 15.36 -19.81 3.31
C ALA B 335 14.34 -19.69 4.43
N VAL B 336 13.60 -18.57 4.47
CA VAL B 336 12.62 -18.39 5.53
C VAL B 336 11.38 -19.25 5.29
N GLY B 337 11.17 -19.74 4.08
CA GLY B 337 10.04 -20.61 3.83
C GLY B 337 10.20 -21.98 4.46
N GLY B 338 11.14 -22.76 3.95
CA GLY B 338 11.38 -24.11 4.45
C GLY B 338 12.44 -24.18 5.52
N LEU B 339 12.19 -23.58 6.68
CA LEU B 339 13.22 -23.53 7.72
C LEU B 339 13.45 -24.90 8.35
N GLN B 340 12.44 -25.76 8.40
CA GLN B 340 12.61 -27.05 9.06
C GLN B 340 13.66 -27.90 8.35
N THR B 341 13.64 -27.91 7.01
CA THR B 341 14.66 -28.64 6.27
C THR B 341 16.04 -28.00 6.44
N VAL B 342 16.10 -26.67 6.57
CA VAL B 342 17.37 -26.00 6.76
C VAL B 342 17.98 -26.38 8.12
N ARG B 343 17.16 -26.34 9.16
CA ARG B 343 17.64 -26.67 10.50
C ARG B 343 17.90 -28.16 10.64
N SER B 344 17.24 -29.00 9.85
CA SER B 344 17.49 -30.43 9.92
C SER B 344 18.91 -30.77 9.50
N PHE B 345 19.43 -30.09 8.48
CA PHE B 345 20.77 -30.33 7.98
C PHE B 345 21.80 -29.34 8.53
N GLY B 346 21.37 -28.41 9.38
CA GLY B 346 22.31 -27.48 9.99
C GLY B 346 22.92 -26.48 9.04
N ALA B 347 22.30 -26.24 7.89
CA ALA B 347 22.84 -25.31 6.91
C ALA B 347 22.25 -23.92 7.11
N GLU B 348 22.53 -23.35 8.28
CA GLU B 348 22.04 -22.01 8.60
C GLU B 348 23.01 -20.92 8.18
N GLU B 349 24.30 -21.11 8.41
CA GLU B 349 25.29 -20.12 8.00
C GLU B 349 25.48 -20.08 6.49
N HIS B 350 25.18 -21.18 5.80
CA HIS B 350 25.30 -21.20 4.35
C HIS B 350 24.35 -20.20 3.70
N GLU B 351 23.11 -20.14 4.19
CA GLU B 351 22.15 -19.17 3.67
C GLU B 351 22.60 -17.75 3.96
N VAL B 352 23.19 -17.51 5.12
CA VAL B 352 23.70 -16.18 5.43
C VAL B 352 24.83 -15.80 4.48
N CYS B 353 25.72 -16.74 4.18
CA CYS B 353 26.80 -16.46 3.24
C CYS B 353 26.26 -16.16 1.85
N ARG B 354 25.25 -16.92 1.40
CA ARG B 354 24.67 -16.65 0.09
C ARG B 354 23.99 -15.28 0.07
N TYR B 355 23.31 -14.91 1.16
CA TYR B 355 22.68 -13.60 1.23
C TYR B 355 23.73 -12.50 1.17
N LYS B 356 24.86 -12.68 1.85
CA LYS B 356 25.94 -11.70 1.79
C LYS B 356 26.49 -11.60 0.37
N GLU B 357 26.61 -12.74 -0.32
CA GLU B 357 27.10 -12.71 -1.69
C GLU B 357 26.15 -11.93 -2.60
N ALA B 358 24.84 -12.11 -2.44
CA ALA B 358 23.90 -11.32 -3.22
C ALA B 358 23.97 -9.83 -2.87
N LEU B 359 24.11 -9.53 -1.58
CA LEU B 359 24.19 -8.14 -1.15
C LEU B 359 25.44 -7.46 -1.71
N GLU B 360 26.50 -8.22 -1.95
CA GLU B 360 27.70 -7.62 -2.55
C GLU B 360 27.40 -7.08 -3.94
N GLN B 361 26.73 -7.86 -4.78
CA GLN B 361 26.37 -7.40 -6.11
C GLN B 361 25.40 -6.23 -6.03
N CYS B 362 24.45 -6.29 -5.11
CA CYS B 362 23.52 -5.17 -4.95
C CYS B 362 24.26 -3.89 -4.59
N ARG B 363 25.23 -3.98 -3.68
CA ARG B 363 26.01 -2.81 -3.29
C ARG B 363 26.85 -2.29 -4.45
N GLN B 364 27.43 -3.17 -5.24
CA GLN B 364 28.21 -2.73 -6.39
C GLN B 364 27.36 -1.95 -7.38
N LEU B 365 26.17 -2.46 -7.67
CA LEU B 365 25.28 -1.73 -8.58
C LEU B 365 24.84 -0.40 -7.99
N TYR B 366 24.58 -0.37 -6.68
CA TYR B 366 24.22 0.89 -6.03
C TYR B 366 25.34 1.91 -6.15
N TRP B 367 26.58 1.49 -5.94
CA TRP B 367 27.72 2.40 -6.06
C TRP B 367 27.87 2.91 -7.48
N ARG B 368 27.66 2.05 -8.47
CA ARG B 368 27.74 2.50 -9.86
C ARG B 368 26.68 3.57 -10.14
N ARG B 369 25.45 3.34 -9.66
CA ARG B 369 24.39 4.33 -9.86
C ARG B 369 24.74 5.66 -9.21
N ASP B 370 25.26 5.61 -7.99
CA ASP B 370 25.61 6.84 -7.29
C ASP B 370 26.74 7.58 -8.01
N LEU B 371 27.72 6.84 -8.53
CA LEU B 371 28.79 7.48 -9.28
C LEU B 371 28.27 8.16 -10.53
N GLU B 372 27.36 7.51 -11.24
CA GLU B 372 26.77 8.14 -12.43
C GLU B 372 26.03 9.42 -12.08
N ARG B 373 25.25 9.39 -11.00
CA ARG B 373 24.53 10.59 -10.58
C ARG B 373 25.48 11.72 -10.20
N ALA B 374 26.56 11.38 -9.48
CA ALA B 374 27.52 12.40 -9.08
C ALA B 374 28.19 13.02 -10.30
N LEU B 375 28.55 12.20 -11.29
CA LEU B 375 29.17 12.73 -12.50
C LEU B 375 28.23 13.67 -13.25
N TYR B 376 26.96 13.29 -13.34
CA TYR B 376 25.99 14.16 -14.01
C TYR B 376 25.85 15.49 -13.28
N LEU B 377 25.78 15.45 -11.96
CA LEU B 377 25.67 16.68 -11.19
C LEU B 377 26.90 17.56 -11.39
N LEU B 378 28.08 16.93 -11.43
CA LEU B 378 29.31 17.70 -11.62
C LEU B 378 29.32 18.39 -12.98
N VAL B 379 28.94 17.68 -14.04
CA VAL B 379 28.97 18.32 -15.36
C VAL B 379 27.93 19.44 -15.44
N ARG B 380 26.77 19.26 -14.81
CA ARG B 380 25.78 20.33 -14.80
C ARG B 380 26.30 21.56 -14.07
N ARG B 381 26.95 21.35 -12.92
CA ARG B 381 27.49 22.48 -12.17
C ARG B 381 28.59 23.19 -12.95
N VAL B 382 29.42 22.43 -13.66
CA VAL B 382 30.48 23.04 -14.46
C VAL B 382 29.89 23.90 -15.56
N LEU B 383 28.86 23.39 -16.24
CA LEU B 383 28.22 24.18 -17.29
C LEU B 383 27.61 25.47 -16.73
N HIS B 384 26.95 25.37 -15.58
CA HIS B 384 26.35 26.56 -14.97
C HIS B 384 27.41 27.58 -14.59
N LEU B 385 28.53 27.11 -14.02
CA LEU B 385 29.63 28.01 -13.71
C LEU B 385 30.17 28.69 -14.97
N GLY B 386 30.32 27.93 -16.05
CA GLY B 386 30.86 28.51 -17.26
C GLY B 386 29.98 29.62 -17.82
N VAL B 387 28.68 29.36 -17.88
CA VAL B 387 27.78 30.39 -18.41
C VAL B 387 27.72 31.59 -17.48
N GLN B 388 27.78 31.36 -16.16
CA GLN B 388 27.77 32.47 -15.22
C GLN B 388 29.00 33.35 -15.37
N MET B 389 30.18 32.74 -15.47
CA MET B 389 31.42 33.50 -15.62
C MET B 389 31.42 34.28 -16.93
N LEU B 390 30.95 33.65 -18.01
CA LEU B 390 30.90 34.34 -19.29
C LEU B 390 29.96 35.54 -19.23
N MET B 391 28.79 35.37 -18.62
CA MET B 391 27.86 36.49 -18.50
C MET B 391 28.43 37.60 -17.66
N LEU B 392 29.11 37.26 -16.55
CA LEU B 392 29.71 38.29 -15.71
C LEU B 392 30.79 39.06 -16.44
N SER B 393 31.65 38.37 -17.18
CA SER B 393 32.71 39.05 -17.91
C SER B 393 32.13 39.97 -18.98
N CYS B 394 31.14 39.49 -19.74
CA CYS B 394 30.55 40.32 -20.77
C CYS B 394 29.83 41.53 -20.15
N GLY B 395 29.14 41.33 -19.03
CA GLY B 395 28.47 42.44 -18.38
C GLY B 395 29.43 43.49 -17.85
N LEU B 396 30.56 43.04 -17.28
CA LEU B 396 31.56 44.00 -16.82
C LEU B 396 32.16 44.78 -17.99
N GLN B 397 32.40 44.09 -19.11
CA GLN B 397 32.90 44.79 -20.29
C GLN B 397 31.90 45.82 -20.79
N GLN B 398 30.61 45.47 -20.77
CA GLN B 398 29.59 46.41 -21.21
C GLN B 398 29.48 47.61 -20.27
N MET B 399 29.56 47.36 -18.96
CA MET B 399 29.50 48.45 -17.99
C MET B 399 30.70 49.38 -18.11
N GLN B 400 31.87 48.83 -18.44
CA GLN B 400 33.04 49.66 -18.68
C GLN B 400 32.80 50.62 -19.83
N ASP B 401 32.15 50.16 -20.90
CA ASP B 401 31.83 51.02 -22.03
C ASP B 401 30.79 52.07 -21.69
N GLY B 402 30.00 51.87 -20.65
CA GLY B 402 28.99 52.83 -20.25
C GLY B 402 27.58 52.52 -20.69
N GLU B 403 27.32 51.33 -21.22
CA GLU B 403 25.99 50.97 -21.68
C GLU B 403 25.17 50.23 -20.62
N LEU B 404 25.71 50.06 -19.41
CA LEU B 404 25.01 49.37 -18.34
C LEU B 404 25.29 50.09 -17.03
N THR B 405 24.67 49.59 -15.96
CA THR B 405 24.89 50.13 -14.64
C THR B 405 24.91 48.98 -13.64
N GLN B 406 25.36 49.29 -12.42
CA GLN B 406 25.53 48.25 -11.40
C GLN B 406 24.20 47.60 -11.04
N GLY B 407 23.15 48.41 -10.87
CA GLY B 407 21.85 47.85 -10.52
C GLY B 407 21.27 46.99 -11.62
N SER B 408 21.46 47.39 -12.88
CA SER B 408 20.98 46.58 -13.99
C SER B 408 21.68 45.23 -14.01
N LEU B 409 22.99 45.22 -13.76
CA LEU B 409 23.72 43.96 -13.72
C LEU B 409 23.23 43.07 -12.58
N LEU B 410 22.98 43.66 -11.41
CA LEU B 410 22.48 42.86 -10.29
C LEU B 410 21.12 42.26 -10.61
N SER B 411 20.21 43.05 -11.18
CA SER B 411 18.90 42.53 -11.54
C SER B 411 19.02 41.43 -12.59
N PHE B 412 19.94 41.59 -13.55
CA PHE B 412 20.14 40.55 -14.55
C PHE B 412 20.62 39.26 -13.92
N MET B 413 21.55 39.35 -12.96
CA MET B 413 22.01 38.14 -12.28
C MET B 413 20.88 37.45 -11.54
N ILE B 414 20.02 38.24 -10.88
CA ILE B 414 18.90 37.64 -10.15
C ILE B 414 17.95 36.93 -11.12
N TYR B 415 17.65 37.57 -12.24
CA TYR B 415 16.77 36.95 -13.23
C TYR B 415 17.38 35.67 -13.80
N GLN B 416 18.68 35.70 -14.09
CA GLN B 416 19.35 34.52 -14.62
C GLN B 416 19.31 33.37 -13.63
N GLU B 417 19.50 33.67 -12.34
CA GLU B 417 19.38 32.63 -11.33
C GLU B 417 17.97 32.06 -11.30
N SER B 418 16.96 32.92 -11.46
CA SER B 418 15.58 32.45 -11.30
C SER B 418 15.08 31.65 -12.50
N VAL B 419 15.57 31.91 -13.71
CA VAL B 419 14.86 31.47 -14.90
C VAL B 419 14.95 29.97 -15.18
N GLY B 420 15.96 29.26 -14.68
CA GLY B 420 16.20 27.90 -15.15
C GLY B 420 15.15 26.88 -14.71
N SER B 421 14.77 26.91 -13.43
CA SER B 421 13.85 25.91 -12.92
C SER B 421 12.49 25.99 -13.58
N TYR B 422 12.08 27.20 -13.98
CA TYR B 422 10.79 27.34 -14.63
C TYR B 422 10.76 26.68 -15.99
N VAL B 423 11.82 26.83 -16.79
CA VAL B 423 11.81 26.17 -18.09
C VAL B 423 11.98 24.66 -17.92
N GLN B 424 12.69 24.21 -16.87
CA GLN B 424 12.76 22.78 -16.60
C GLN B 424 11.38 22.21 -16.28
N THR B 425 10.64 22.90 -15.41
CA THR B 425 9.28 22.45 -15.09
C THR B 425 8.39 22.51 -16.32
N LEU B 426 8.57 23.52 -17.16
CA LEU B 426 7.78 23.63 -18.38
C LEU B 426 8.02 22.45 -19.32
N VAL B 427 9.28 22.01 -19.44
CA VAL B 427 9.55 20.90 -20.35
C VAL B 427 9.14 19.56 -19.75
N TYR B 428 9.07 19.45 -18.42
CA TYR B 428 8.65 18.18 -17.81
C TYR B 428 7.16 18.10 -17.50
N ILE B 429 6.42 19.21 -17.64
CA ILE B 429 5.04 19.24 -17.16
C ILE B 429 4.13 18.34 -17.98
N TYR B 430 4.45 18.08 -19.25
CA TYR B 430 3.58 17.23 -20.06
C TYR B 430 3.59 15.79 -19.53
N GLY B 431 4.77 15.24 -19.30
CA GLY B 431 4.85 13.92 -18.70
C GLY B 431 4.30 13.90 -17.29
N ASP B 432 4.56 14.96 -16.52
CA ASP B 432 4.04 15.02 -15.15
C ASP B 432 2.51 14.99 -15.13
N MET B 433 1.88 15.70 -16.08
CA MET B 433 0.43 15.73 -16.13
C MET B 433 -0.14 14.42 -16.65
N LEU B 434 0.48 13.85 -17.69
CA LEU B 434 -0.05 12.62 -18.27
C LEU B 434 0.17 11.41 -17.36
N SER B 435 1.11 11.47 -16.43
CA SER B 435 1.33 10.35 -15.53
C SER B 435 0.18 10.16 -14.54
N ASN B 436 -0.45 11.25 -14.12
CA ASN B 436 -1.43 11.19 -13.04
C ASN B 436 -2.84 10.89 -13.51
N VAL B 437 -3.08 10.81 -14.82
CA VAL B 437 -4.44 10.59 -15.31
C VAL B 437 -4.90 9.16 -15.05
N GLY B 438 -3.98 8.22 -14.89
CA GLY B 438 -4.32 6.81 -14.78
C GLY B 438 -4.95 6.39 -13.46
N ALA B 439 -5.55 7.32 -12.73
CA ALA B 439 -6.24 7.02 -11.48
C ALA B 439 -7.72 7.38 -11.56
N ALA B 440 -8.27 7.52 -12.77
CA ALA B 440 -9.65 7.92 -12.94
C ALA B 440 -10.41 7.09 -13.97
N GLU B 441 -9.78 6.09 -14.57
CA GLU B 441 -10.45 5.31 -15.61
C GLU B 441 -11.49 4.35 -15.03
N LYS B 442 -11.27 3.87 -13.80
CA LYS B 442 -12.18 2.90 -13.20
C LYS B 442 -13.56 3.51 -12.98
N VAL B 443 -13.59 4.72 -12.42
CA VAL B 443 -14.87 5.36 -12.14
C VAL B 443 -15.60 5.73 -13.43
N PHE B 444 -14.86 6.18 -14.44
CA PHE B 444 -15.48 6.48 -15.72
C PHE B 444 -16.05 5.22 -16.35
N SER B 445 -15.36 4.09 -16.20
CA SER B 445 -15.91 2.82 -16.68
C SER B 445 -17.18 2.46 -15.92
N TYR B 446 -17.19 2.72 -14.61
CA TYR B 446 -18.38 2.44 -13.81
C TYR B 446 -19.56 3.28 -14.27
N MET B 447 -19.31 4.57 -14.54
CA MET B 447 -20.39 5.42 -15.05
C MET B 447 -20.80 5.02 -16.47
N ASP B 448 -19.89 4.44 -17.23
CA ASP B 448 -20.17 4.07 -18.61
C ASP B 448 -20.79 2.70 -18.75
N ARG B 449 -20.92 1.94 -17.66
CA ARG B 449 -21.51 0.62 -17.73
C ARG B 449 -22.98 0.70 -18.10
N GLN B 450 -23.40 -0.17 -19.01
CA GLN B 450 -24.78 -0.17 -19.48
C GLN B 450 -25.62 -1.13 -18.64
N PRO B 451 -26.71 -0.67 -18.02
CA PRO B 451 -27.57 -1.58 -17.26
C PRO B 451 -28.26 -2.59 -18.17
N ASN B 452 -28.43 -3.79 -17.65
CA ASN B 452 -29.11 -4.86 -18.37
C ASN B 452 -30.58 -4.94 -17.94
N LEU B 453 -31.30 -3.89 -18.27
CA LEU B 453 -32.70 -3.77 -17.87
C LEU B 453 -33.56 -3.35 -19.06
N PRO B 454 -34.81 -3.79 -19.10
CA PRO B 454 -35.71 -3.36 -20.17
C PRO B 454 -36.11 -1.90 -19.98
N SER B 455 -36.55 -1.30 -21.09
CA SER B 455 -37.03 0.08 -21.04
C SER B 455 -38.31 0.15 -20.20
N PRO B 456 -38.43 1.16 -19.33
CA PRO B 456 -39.63 1.26 -18.50
C PRO B 456 -40.87 1.54 -19.32
N GLY B 457 -42.00 1.03 -18.82
CA GLY B 457 -43.28 1.26 -19.47
C GLY B 457 -43.90 2.56 -19.03
N THR B 458 -45.12 2.79 -19.52
CA THR B 458 -45.86 4.01 -19.19
C THR B 458 -47.32 3.69 -18.89
N LEU B 459 -47.58 2.55 -18.26
CA LEU B 459 -48.95 2.13 -17.94
C LEU B 459 -49.19 2.36 -16.45
N ALA B 460 -50.08 3.29 -16.14
CA ALA B 460 -50.48 3.59 -14.76
C ALA B 460 -51.99 3.67 -14.68
N PRO B 461 -52.69 2.54 -14.78
CA PRO B 461 -54.15 2.55 -14.71
C PRO B 461 -54.67 2.44 -13.28
N THR B 462 -55.94 2.83 -13.11
CA THR B 462 -56.62 2.69 -11.84
C THR B 462 -57.38 1.39 -11.71
N THR B 463 -57.42 0.57 -12.76
CA THR B 463 -58.09 -0.72 -12.75
C THR B 463 -57.02 -1.80 -12.59
N LEU B 464 -56.77 -2.18 -11.34
CA LEU B 464 -55.70 -3.11 -10.99
C LEU B 464 -56.21 -4.15 -10.00
N GLN B 465 -57.30 -4.84 -10.38
CA GLN B 465 -57.98 -5.74 -9.46
C GLN B 465 -57.08 -6.88 -8.95
N GLY B 466 -55.99 -7.18 -9.64
CA GLY B 466 -54.99 -8.06 -9.07
C GLY B 466 -54.98 -9.48 -9.56
N VAL B 467 -55.11 -9.67 -10.87
CA VAL B 467 -55.01 -10.99 -11.49
C VAL B 467 -53.58 -11.18 -11.97
N VAL B 468 -52.92 -12.21 -11.44
CA VAL B 468 -51.52 -12.47 -11.73
C VAL B 468 -51.42 -13.87 -12.33
N LYS B 469 -50.69 -13.99 -13.43
CA LYS B 469 -50.52 -15.26 -14.12
C LYS B 469 -49.05 -15.50 -14.43
N PHE B 470 -48.62 -16.75 -14.25
CA PHE B 470 -47.28 -17.19 -14.64
C PHE B 470 -47.45 -18.26 -15.69
N GLN B 471 -46.91 -18.03 -16.90
CA GLN B 471 -47.06 -18.94 -18.02
C GLN B 471 -45.68 -19.41 -18.45
N ASP B 472 -45.36 -20.68 -18.13
CA ASP B 472 -44.12 -21.34 -18.55
C ASP B 472 -42.89 -20.56 -18.12
N VAL B 473 -42.92 -20.02 -16.90
CA VAL B 473 -41.83 -19.18 -16.42
C VAL B 473 -40.65 -20.07 -16.06
N SER B 474 -39.50 -19.80 -16.66
CA SER B 474 -38.25 -20.47 -16.33
C SER B 474 -37.16 -19.41 -16.23
N PHE B 475 -36.40 -19.43 -15.14
CA PHE B 475 -35.46 -18.36 -14.84
C PHE B 475 -34.06 -18.94 -14.62
N ALA B 476 -33.06 -18.18 -15.07
CA ALA B 476 -31.67 -18.47 -14.80
C ALA B 476 -30.99 -17.21 -14.30
N TYR B 477 -30.16 -17.35 -13.27
CA TYR B 477 -29.48 -16.19 -12.70
C TYR B 477 -28.44 -15.68 -13.70
N PRO B 478 -28.45 -14.39 -14.02
CA PRO B 478 -27.43 -13.85 -14.94
C PRO B 478 -26.01 -13.98 -14.42
N ASN B 479 -25.81 -13.96 -13.10
CA ASN B 479 -24.46 -14.12 -12.56
C ASN B 479 -23.94 -15.54 -12.76
N ARG B 480 -24.81 -16.53 -12.71
CA ARG B 480 -24.45 -17.94 -12.93
C ARG B 480 -25.40 -18.51 -13.98
N PRO B 481 -25.11 -18.28 -15.26
CA PRO B 481 -26.04 -18.72 -16.31
C PRO B 481 -26.03 -20.23 -16.50
N ASP B 482 -26.84 -20.70 -17.45
CA ASP B 482 -26.99 -22.11 -17.85
C ASP B 482 -27.15 -23.06 -16.66
N ARG B 483 -27.64 -22.54 -15.53
CA ARG B 483 -27.94 -23.35 -14.34
C ARG B 483 -29.31 -22.93 -13.83
N PRO B 484 -30.37 -23.28 -14.56
CA PRO B 484 -31.70 -22.76 -14.22
C PRO B 484 -32.21 -23.31 -12.89
N VAL B 485 -32.98 -22.47 -12.20
CA VAL B 485 -33.65 -22.89 -10.97
C VAL B 485 -35.15 -23.03 -11.15
N LEU B 486 -35.72 -22.46 -12.21
CA LEU B 486 -37.15 -22.56 -12.49
C LEU B 486 -37.33 -23.35 -13.78
N LYS B 487 -38.27 -24.29 -13.77
CA LYS B 487 -38.42 -25.26 -14.85
C LYS B 487 -39.83 -25.25 -15.41
N GLY B 488 -40.35 -24.06 -15.71
CA GLY B 488 -41.63 -23.96 -16.38
C GLY B 488 -42.82 -23.90 -15.44
N LEU B 489 -42.82 -22.94 -14.53
CA LEU B 489 -43.96 -22.72 -13.66
C LEU B 489 -45.13 -22.13 -14.44
N THR B 490 -46.34 -22.40 -13.95
CA THR B 490 -47.55 -21.85 -14.55
C THR B 490 -48.65 -21.89 -13.49
N PHE B 491 -49.11 -20.73 -13.05
CA PHE B 491 -50.15 -20.70 -12.03
C PHE B 491 -50.86 -19.35 -12.07
N THR B 492 -52.03 -19.31 -11.42
CA THR B 492 -52.89 -18.14 -11.44
C THR B 492 -53.25 -17.74 -10.01
N LEU B 493 -53.28 -16.44 -9.76
CA LEU B 493 -53.63 -15.87 -8.48
C LEU B 493 -55.03 -15.27 -8.56
N ARG B 494 -55.64 -15.09 -7.39
CA ARG B 494 -57.01 -14.58 -7.32
C ARG B 494 -57.09 -13.40 -6.38
N PRO B 495 -58.01 -12.46 -6.63
CA PRO B 495 -58.10 -11.28 -5.76
C PRO B 495 -58.55 -11.59 -4.34
N GLY B 496 -59.70 -12.26 -4.20
CA GLY B 496 -60.26 -12.47 -2.89
C GLY B 496 -59.71 -13.66 -2.14
N GLU B 497 -59.18 -14.66 -2.85
CA GLU B 497 -58.70 -15.87 -2.23
C GLU B 497 -57.25 -15.72 -1.78
N VAL B 498 -56.74 -16.73 -1.10
CA VAL B 498 -55.36 -16.75 -0.62
C VAL B 498 -54.64 -17.90 -1.30
N THR B 499 -53.48 -17.61 -1.87
CA THR B 499 -52.64 -18.61 -2.50
C THR B 499 -51.36 -18.75 -1.70
N ALA B 500 -51.08 -19.95 -1.23
CA ALA B 500 -49.89 -20.24 -0.45
C ALA B 500 -48.91 -21.05 -1.28
N LEU B 501 -47.63 -20.80 -1.04
CA LEU B 501 -46.54 -21.53 -1.71
C LEU B 501 -45.71 -22.22 -0.64
N VAL B 502 -45.52 -23.53 -0.80
CA VAL B 502 -44.78 -24.31 0.18
C VAL B 502 -43.67 -25.08 -0.53
N GLY B 503 -42.62 -25.39 0.23
CA GLY B 503 -41.49 -26.10 -0.29
C GLY B 503 -40.34 -26.15 0.69
N PRO B 504 -39.31 -26.94 0.38
CA PRO B 504 -38.15 -27.07 1.25
C PRO B 504 -37.17 -25.92 1.02
N ASN B 505 -36.10 -25.93 1.80
CA ASN B 505 -35.05 -24.93 1.66
C ASN B 505 -34.28 -25.14 0.37
N GLY B 506 -33.90 -24.04 -0.27
CA GLY B 506 -33.19 -24.09 -1.53
C GLY B 506 -34.06 -24.35 -2.74
N SER B 507 -35.38 -24.47 -2.56
CA SER B 507 -36.26 -24.72 -3.69
C SER B 507 -36.36 -23.51 -4.62
N GLY B 508 -36.33 -22.30 -4.04
CA GLY B 508 -36.31 -21.10 -4.84
C GLY B 508 -37.60 -20.30 -4.83
N LYS B 509 -38.29 -20.28 -3.69
CA LYS B 509 -39.50 -19.49 -3.59
C LYS B 509 -39.20 -18.00 -3.57
N SER B 510 -38.10 -17.60 -2.95
CA SER B 510 -37.69 -16.20 -2.98
C SER B 510 -37.43 -15.74 -4.40
N THR B 511 -36.95 -16.63 -5.27
CA THR B 511 -36.78 -16.29 -6.68
C THR B 511 -38.13 -16.01 -7.33
N VAL B 512 -39.16 -16.78 -6.97
CA VAL B 512 -40.50 -16.53 -7.51
C VAL B 512 -41.00 -15.17 -7.04
N ALA B 513 -40.76 -14.85 -5.76
CA ALA B 513 -41.16 -13.54 -5.26
C ALA B 513 -40.44 -12.41 -5.98
N ALA B 514 -39.13 -12.58 -6.21
CA ALA B 514 -38.37 -11.55 -6.91
C ALA B 514 -38.84 -11.37 -8.34
N LEU B 515 -39.16 -12.48 -9.01
CA LEU B 515 -39.69 -12.38 -10.37
C LEU B 515 -41.06 -11.71 -10.38
N LEU B 516 -41.87 -11.96 -9.36
CA LEU B 516 -43.17 -11.28 -9.27
C LEU B 516 -43.02 -9.80 -8.99
N GLN B 517 -41.94 -9.41 -8.30
CA GLN B 517 -41.70 -7.99 -8.00
C GLN B 517 -40.97 -7.27 -9.13
N ASN B 518 -40.80 -7.91 -10.28
CA ASN B 518 -40.12 -7.32 -11.44
C ASN B 518 -38.69 -6.92 -11.13
N LEU B 519 -38.02 -7.67 -10.25
CA LEU B 519 -36.60 -7.45 -10.00
C LEU B 519 -35.71 -8.26 -10.93
N TYR B 520 -36.29 -9.16 -11.73
CA TYR B 520 -35.54 -9.95 -12.68
C TYR B 520 -36.42 -10.25 -13.87
N GLN B 521 -35.80 -10.62 -14.97
CA GLN B 521 -36.60 -10.95 -16.14
C GLN B 521 -36.61 -12.46 -16.38
N PRO B 522 -37.75 -13.03 -16.74
CA PRO B 522 -37.81 -14.48 -16.95
C PRO B 522 -37.13 -14.87 -18.25
N THR B 523 -36.34 -15.94 -18.19
CA THR B 523 -35.67 -16.46 -19.37
C THR B 523 -36.61 -17.22 -20.31
N GLY B 524 -37.80 -17.57 -19.83
CA GLY B 524 -38.78 -18.24 -20.66
C GLY B 524 -40.18 -17.98 -20.14
N GLY B 525 -41.15 -18.12 -21.04
CA GLY B 525 -42.53 -17.83 -20.66
C GLY B 525 -42.73 -16.35 -20.41
N GLN B 526 -43.77 -16.05 -19.64
CA GLN B 526 -44.07 -14.66 -19.32
C GLN B 526 -44.89 -14.59 -18.05
N VAL B 527 -45.04 -13.38 -17.54
CA VAL B 527 -45.88 -13.07 -16.40
C VAL B 527 -46.87 -12.01 -16.81
N LEU B 528 -48.07 -12.08 -16.25
CA LEU B 528 -49.14 -11.15 -16.57
C LEU B 528 -49.70 -10.57 -15.29
N LEU B 529 -49.81 -9.25 -15.23
CA LEU B 529 -50.48 -8.56 -14.14
C LEU B 529 -51.71 -7.87 -14.73
N ASP B 530 -52.88 -8.45 -14.46
CA ASP B 530 -54.16 -7.99 -15.01
C ASP B 530 -54.07 -7.95 -16.54
N GLU B 531 -53.67 -9.08 -17.11
CA GLU B 531 -53.54 -9.28 -18.56
C GLU B 531 -52.56 -8.30 -19.19
N LYS B 532 -51.56 -7.86 -18.44
CA LYS B 532 -50.49 -7.03 -18.95
C LYS B 532 -49.16 -7.53 -18.43
N PRO B 533 -48.11 -7.50 -19.24
CA PRO B 533 -46.78 -7.86 -18.75
C PRO B 533 -46.33 -6.90 -17.65
N ILE B 534 -45.64 -7.43 -16.65
CA ILE B 534 -45.30 -6.62 -15.49
C ILE B 534 -44.20 -5.61 -15.80
N SER B 535 -43.40 -5.85 -16.84
CA SER B 535 -42.32 -4.93 -17.16
C SER B 535 -42.79 -3.71 -17.94
N GLN B 536 -44.07 -3.68 -18.34
CA GLN B 536 -44.63 -2.55 -19.07
C GLN B 536 -45.31 -1.53 -18.17
N TYR B 537 -45.23 -1.71 -16.86
CA TYR B 537 -45.80 -0.75 -15.93
C TYR B 537 -44.75 0.26 -15.49
N GLU B 538 -45.23 1.40 -14.99
CA GLU B 538 -44.33 2.43 -14.49
C GLU B 538 -43.60 1.93 -13.25
N HIS B 539 -42.32 2.29 -13.14
CA HIS B 539 -41.50 1.79 -12.04
C HIS B 539 -42.02 2.25 -10.69
N CYS B 540 -42.40 3.53 -10.59
CA CYS B 540 -42.89 4.04 -9.31
C CYS B 540 -44.31 3.58 -9.02
N TYR B 541 -45.12 3.37 -10.05
CA TYR B 541 -46.51 2.97 -9.83
C TYR B 541 -46.62 1.50 -9.46
N LEU B 542 -45.80 0.65 -10.08
CA LEU B 542 -45.93 -0.79 -9.85
C LEU B 542 -45.62 -1.16 -8.41
N HIS B 543 -44.56 -0.59 -7.84
CA HIS B 543 -44.15 -0.95 -6.49
C HIS B 543 -45.00 -0.29 -5.42
N SER B 544 -45.88 0.64 -5.79
CA SER B 544 -46.87 1.16 -4.87
C SER B 544 -48.12 0.30 -4.80
N GLN B 545 -48.20 -0.76 -5.62
CA GLN B 545 -49.33 -1.66 -5.65
C GLN B 545 -48.98 -3.11 -5.36
N VAL B 546 -47.79 -3.55 -5.72
CA VAL B 546 -47.34 -4.91 -5.47
C VAL B 546 -46.19 -4.83 -4.48
N VAL B 547 -46.45 -5.14 -3.22
CA VAL B 547 -45.43 -4.98 -2.18
C VAL B 547 -45.17 -6.33 -1.54
N SER B 548 -44.01 -6.43 -0.89
CA SER B 548 -43.56 -7.70 -0.34
C SER B 548 -42.81 -7.51 0.96
N VAL B 549 -43.22 -8.25 1.98
CA VAL B 549 -42.45 -8.40 3.20
C VAL B 549 -41.35 -9.41 2.94
N GLY B 550 -40.10 -8.95 3.05
CA GLY B 550 -38.97 -9.76 2.65
C GLY B 550 -38.64 -10.87 3.62
N GLN B 551 -37.76 -11.77 3.17
CA GLN B 551 -37.32 -12.88 4.00
C GLN B 551 -36.50 -12.37 5.19
N GLU B 552 -35.52 -11.52 4.92
CA GLU B 552 -34.71 -10.90 5.97
C GLU B 552 -34.93 -9.40 5.92
N PRO B 553 -35.74 -8.84 6.82
CA PRO B 553 -36.00 -7.40 6.77
C PRO B 553 -34.73 -6.59 6.97
N VAL B 554 -34.62 -5.50 6.21
CA VAL B 554 -33.46 -4.61 6.29
C VAL B 554 -33.96 -3.24 6.73
N LEU B 555 -33.29 -2.67 7.72
CA LEU B 555 -33.68 -1.39 8.30
C LEU B 555 -32.58 -0.37 8.04
N PHE B 556 -32.99 0.90 7.96
CA PHE B 556 -32.08 1.99 7.64
C PHE B 556 -31.79 2.81 8.88
N SER B 557 -30.94 3.83 8.71
CA SER B 557 -30.45 4.63 9.84
C SER B 557 -31.44 5.68 10.30
N GLY B 558 -32.56 5.86 9.60
CA GLY B 558 -33.53 6.86 9.98
C GLY B 558 -34.30 6.49 11.22
N SER B 559 -35.26 7.34 11.57
CA SER B 559 -36.10 7.10 12.72
C SER B 559 -37.11 5.99 12.42
N VAL B 560 -37.94 5.66 13.42
CA VAL B 560 -38.98 4.67 13.23
C VAL B 560 -40.02 5.17 12.24
N ARG B 561 -40.43 6.43 12.37
CA ARG B 561 -41.41 6.98 11.43
C ARG B 561 -40.83 7.08 10.03
N ASN B 562 -39.53 7.35 9.91
CA ASN B 562 -38.91 7.42 8.59
C ASN B 562 -38.83 6.05 7.93
N ASN B 563 -38.65 4.99 8.72
CA ASN B 563 -38.55 3.65 8.17
C ASN B 563 -39.92 3.01 7.93
N ILE B 564 -40.94 3.41 8.67
CA ILE B 564 -42.28 2.90 8.44
C ILE B 564 -42.82 3.42 7.11
N ALA B 565 -42.62 4.70 6.83
CA ALA B 565 -43.10 5.33 5.61
C ALA B 565 -42.01 5.43 4.56
N TYR B 566 -41.15 4.42 4.48
CA TYR B 566 -40.08 4.42 3.50
C TYR B 566 -40.63 4.39 2.09
N GLY B 567 -40.04 5.20 1.21
CA GLY B 567 -40.47 5.26 -0.17
C GLY B 567 -41.70 6.11 -0.42
N LEU B 568 -42.23 6.77 0.60
CA LEU B 568 -43.42 7.60 0.48
C LEU B 568 -43.04 9.07 0.58
N GLN B 569 -43.54 9.86 -0.36
CA GLN B 569 -43.23 11.29 -0.36
C GLN B 569 -43.87 12.00 0.83
N SER B 570 -45.12 11.69 1.13
CA SER B 570 -45.82 12.34 2.23
C SER B 570 -46.89 11.41 2.78
N CYS B 571 -47.14 11.52 4.08
CA CYS B 571 -48.15 10.70 4.73
C CYS B 571 -48.57 11.41 6.02
N GLU B 572 -49.59 10.87 6.66
CA GLU B 572 -50.12 11.40 7.89
C GLU B 572 -49.78 10.48 9.05
N ASP B 573 -49.91 11.03 10.26
CA ASP B 573 -49.63 10.24 11.47
C ASP B 573 -50.67 9.15 11.67
N ASP B 574 -51.93 9.41 11.29
CA ASP B 574 -52.99 8.43 11.51
C ASP B 574 -52.75 7.15 10.73
N LYS B 575 -52.30 7.27 9.48
CA LYS B 575 -52.01 6.09 8.68
C LYS B 575 -50.87 5.27 9.29
N VAL B 576 -49.84 5.96 9.78
CA VAL B 576 -48.72 5.26 10.42
C VAL B 576 -49.19 4.54 11.67
N MET B 577 -50.02 5.20 12.47
CA MET B 577 -50.53 4.56 13.69
C MET B 577 -51.43 3.37 13.36
N ALA B 578 -52.25 3.48 12.32
CA ALA B 578 -53.09 2.35 11.91
C ALA B 578 -52.24 1.18 11.44
N ALA B 579 -51.18 1.46 10.68
CA ALA B 579 -50.29 0.40 10.23
C ALA B 579 -49.56 -0.25 11.41
N ALA B 580 -49.15 0.54 12.38
CA ALA B 580 -48.52 -0.03 13.57
C ALA B 580 -49.49 -0.90 14.35
N GLN B 581 -50.74 -0.47 14.44
CA GLN B 581 -51.75 -1.28 15.14
C GLN B 581 -52.03 -2.58 14.39
N ALA B 582 -52.08 -2.51 13.05
CA ALA B 582 -52.38 -3.71 12.27
C ALA B 582 -51.25 -4.73 12.32
N ALA B 583 -50.00 -4.26 12.43
CA ALA B 583 -48.85 -5.15 12.49
C ALA B 583 -48.49 -5.56 13.91
N HIS B 584 -49.29 -5.16 14.89
CA HIS B 584 -49.05 -5.45 16.31
C HIS B 584 -47.68 -4.95 16.75
N ALA B 585 -47.29 -3.79 16.24
CA ALA B 585 -46.03 -3.15 16.61
C ALA B 585 -46.24 -1.93 17.49
N ASP B 586 -47.48 -1.58 17.81
CA ASP B 586 -47.76 -0.41 18.63
C ASP B 586 -47.54 -0.66 20.11
N ASP B 587 -47.45 -1.92 20.54
CA ASP B 587 -47.26 -2.20 21.95
C ASP B 587 -45.92 -1.70 22.45
N PHE B 588 -44.86 -1.92 21.67
CA PHE B 588 -43.52 -1.47 22.05
C PHE B 588 -43.16 -0.13 21.43
N ILE B 589 -44.07 0.50 20.68
CA ILE B 589 -43.76 1.78 20.07
C ILE B 589 -43.88 2.93 21.07
N GLN B 590 -44.55 2.72 22.20
CA GLN B 590 -44.69 3.75 23.22
C GLN B 590 -43.67 3.62 24.34
N GLU B 591 -42.98 2.49 24.45
CA GLU B 591 -41.95 2.34 25.46
C GLU B 591 -40.76 3.26 25.20
N MET B 592 -40.37 3.39 23.93
CA MET B 592 -39.28 4.28 23.59
C MET B 592 -39.74 5.73 23.63
N GLU B 593 -38.77 6.63 23.78
CA GLU B 593 -39.07 8.05 23.91
C GLU B 593 -39.55 8.63 22.59
N HIS B 594 -40.37 9.69 22.70
CA HIS B 594 -40.86 10.48 21.57
C HIS B 594 -41.74 9.66 20.61
N GLY B 595 -42.20 8.49 21.04
CA GLY B 595 -43.11 7.71 20.22
C GLY B 595 -42.45 7.22 18.95
N ILE B 596 -43.17 7.39 17.83
CA ILE B 596 -42.68 6.90 16.53
C ILE B 596 -41.51 7.70 15.99
N TYR B 597 -41.20 8.85 16.59
CA TYR B 597 -40.06 9.66 16.18
C TYR B 597 -38.77 9.23 16.85
N THR B 598 -38.77 8.09 17.54
CA THR B 598 -37.55 7.59 18.18
C THR B 598 -36.50 7.25 17.14
N ASP B 599 -35.26 7.61 17.44
CA ASP B 599 -34.16 7.30 16.55
C ASP B 599 -33.86 5.81 16.57
N VAL B 600 -33.35 5.30 15.45
CA VAL B 600 -32.94 3.92 15.30
C VAL B 600 -31.45 3.88 14.99
N GLY B 601 -30.76 2.90 15.55
CA GLY B 601 -29.35 2.75 15.31
C GLY B 601 -29.03 2.39 13.87
N GLU B 602 -27.74 2.40 13.56
CA GLU B 602 -27.28 2.13 12.20
C GLU B 602 -27.70 0.73 11.77
N LYS B 603 -28.26 0.64 10.56
CA LYS B 603 -28.80 -0.60 10.01
C LYS B 603 -29.85 -1.23 10.92
N GLY B 604 -30.55 -0.39 11.69
CA GLY B 604 -31.56 -0.88 12.60
C GLY B 604 -31.03 -1.76 13.70
N SER B 605 -29.85 -1.44 14.24
CA SER B 605 -29.24 -2.24 15.29
C SER B 605 -29.69 -1.78 16.68
N GLN B 606 -30.99 -1.61 16.85
CA GLN B 606 -31.56 -1.20 18.13
C GLN B 606 -32.73 -2.07 18.60
N LEU B 607 -33.47 -2.69 17.69
CA LEU B 607 -34.68 -3.44 18.06
C LEU B 607 -34.40 -4.94 18.01
N ALA B 608 -35.37 -5.70 18.49
CA ALA B 608 -35.31 -7.15 18.42
C ALA B 608 -35.73 -7.65 17.06
N ALA B 609 -35.52 -8.94 16.82
CA ALA B 609 -35.91 -9.54 15.54
C ALA B 609 -37.41 -9.50 15.34
N GLY B 610 -38.19 -9.79 16.38
CA GLY B 610 -39.63 -9.70 16.27
C GLY B 610 -40.11 -8.28 16.06
N GLN B 611 -39.49 -7.32 16.75
CA GLN B 611 -39.82 -5.92 16.54
C GLN B 611 -39.49 -5.48 15.12
N LYS B 612 -38.34 -5.93 14.60
CA LYS B 612 -37.98 -5.61 13.22
C LYS B 612 -38.98 -6.21 12.24
N GLN B 613 -39.41 -7.45 12.48
CA GLN B 613 -40.39 -8.07 11.60
C GLN B 613 -41.71 -7.34 11.62
N ARG B 614 -42.17 -6.94 12.82
CA ARG B 614 -43.42 -6.18 12.92
C ARG B 614 -43.29 -4.83 12.21
N LEU B 615 -42.14 -4.18 12.36
CA LEU B 615 -41.92 -2.91 11.68
C LEU B 615 -41.94 -3.07 10.16
N ALA B 616 -41.32 -4.14 9.66
CA ALA B 616 -41.34 -4.40 8.22
C ALA B 616 -42.75 -4.68 7.73
N ILE B 617 -43.54 -5.43 8.50
CA ILE B 617 -44.92 -5.71 8.11
C ILE B 617 -45.73 -4.43 8.05
N ALA B 618 -45.55 -3.55 9.05
CA ALA B 618 -46.26 -2.27 9.04
C ALA B 618 -45.80 -1.41 7.86
N ARG B 619 -44.51 -1.43 7.55
CA ARG B 619 -44.00 -0.66 6.43
C ARG B 619 -44.61 -1.12 5.11
N ALA B 620 -44.75 -2.44 4.95
CA ALA B 620 -45.44 -2.96 3.77
C ALA B 620 -46.91 -2.56 3.76
N LEU B 621 -47.57 -2.62 4.91
CA LEU B 621 -49.00 -2.37 4.96
C LEU B 621 -49.37 -0.89 4.90
N VAL B 622 -48.38 0.01 5.04
CA VAL B 622 -48.68 1.44 4.96
C VAL B 622 -49.29 1.80 3.60
N ARG B 623 -48.72 1.26 2.52
CA ARG B 623 -49.11 1.67 1.17
C ARG B 623 -50.50 1.20 0.78
N ASP B 624 -51.12 0.31 1.55
CA ASP B 624 -52.41 -0.31 1.24
C ASP B 624 -52.36 -0.93 -0.15
N PRO B 625 -51.60 -2.00 -0.34
CA PRO B 625 -51.36 -2.52 -1.68
C PRO B 625 -52.53 -3.37 -2.17
N ARG B 626 -52.39 -3.86 -3.40
CA ARG B 626 -53.33 -4.80 -3.99
C ARG B 626 -52.78 -6.21 -4.10
N VAL B 627 -51.48 -6.35 -4.35
CA VAL B 627 -50.81 -7.64 -4.34
C VAL B 627 -49.80 -7.61 -3.22
N LEU B 628 -49.91 -8.56 -2.29
CA LEU B 628 -49.10 -8.60 -1.09
C LEU B 628 -48.39 -9.93 -1.00
N ILE B 629 -47.07 -9.91 -1.11
CA ILE B 629 -46.24 -11.09 -0.95
C ILE B 629 -45.67 -11.07 0.46
N LEU B 630 -45.74 -12.21 1.14
CA LEU B 630 -45.22 -12.34 2.50
C LEU B 630 -44.22 -13.50 2.51
N ASP B 631 -42.94 -13.19 2.33
CA ASP B 631 -41.90 -14.22 2.33
C ASP B 631 -41.49 -14.46 3.77
N GLU B 632 -42.36 -15.14 4.51
CA GLU B 632 -42.11 -15.40 5.92
C GLU B 632 -40.94 -16.37 6.09
N ALA B 633 -41.14 -17.60 5.57
CA ALA B 633 -40.09 -18.60 5.65
C ALA B 633 -39.53 -18.70 7.04
N THR B 634 -38.33 -18.14 7.22
CA THR B 634 -37.70 -18.21 8.53
C THR B 634 -38.11 -17.02 9.38
N SER B 635 -39.27 -17.12 10.03
CA SER B 635 -39.76 -16.03 10.87
C SER B 635 -40.06 -16.52 12.29
N ALA B 636 -39.78 -15.67 13.28
CA ALA B 636 -40.00 -16.06 14.66
C ALA B 636 -40.89 -15.06 15.38
N LEU B 637 -41.80 -14.45 14.63
CA LEU B 637 -42.73 -13.49 15.22
C LEU B 637 -44.03 -14.18 15.59
N ASP B 638 -43.96 -15.47 15.89
CA ASP B 638 -45.16 -16.22 16.20
C ASP B 638 -46.20 -15.89 15.16
N VAL B 639 -45.87 -16.15 13.90
CA VAL B 639 -46.78 -15.79 12.82
C VAL B 639 -48.17 -16.39 12.97
N GLN B 640 -48.39 -17.24 13.98
CA GLN B 640 -49.74 -17.67 14.29
C GLN B 640 -50.63 -16.48 14.65
N CYS B 641 -50.06 -15.49 15.36
CA CYS B 641 -50.79 -14.26 15.63
C CYS B 641 -51.07 -13.49 14.34
N GLU B 642 -50.12 -13.48 13.41
CA GLU B 642 -50.34 -12.81 12.12
C GLU B 642 -51.45 -13.47 11.34
N GLN B 643 -51.47 -14.80 11.30
CA GLN B 643 -52.56 -15.52 10.63
C GLN B 643 -53.89 -15.26 11.33
N ALA B 644 -53.88 -15.27 12.67
CA ALA B 644 -55.11 -15.01 13.42
C ALA B 644 -55.54 -13.56 13.37
N LEU B 645 -54.69 -12.64 12.90
CA LEU B 645 -55.05 -11.23 12.82
C LEU B 645 -56.21 -11.04 11.87
N GLN B 646 -55.98 -11.25 10.58
CA GLN B 646 -57.09 -11.42 9.62
C GLN B 646 -56.56 -12.26 8.46
N ASP B 647 -56.67 -13.59 8.58
CA ASP B 647 -56.42 -14.55 7.51
C ASP B 647 -55.25 -14.20 6.60
N TRP B 648 -54.09 -13.91 7.19
CA TRP B 648 -52.90 -13.45 6.45
C TRP B 648 -53.18 -12.18 5.67
N ASN B 649 -53.83 -11.21 6.33
CA ASN B 649 -54.12 -9.88 5.78
C ASN B 649 -54.96 -9.93 4.51
N SER B 650 -55.82 -10.93 4.35
CA SER B 650 -56.67 -11.03 3.18
C SER B 650 -57.96 -10.26 3.43
N ARG B 651 -58.31 -9.39 2.47
CA ARG B 651 -59.47 -8.52 2.62
C ARG B 651 -60.55 -8.76 1.57
N GLY B 652 -60.37 -9.72 0.68
CA GLY B 652 -61.36 -10.02 -0.34
C GLY B 652 -61.20 -9.21 -1.62
N ASP B 653 -60.43 -8.13 -1.59
CA ASP B 653 -60.11 -7.37 -2.79
C ASP B 653 -58.61 -7.18 -2.96
N ARG B 654 -57.80 -7.95 -2.23
CA ARG B 654 -56.35 -7.84 -2.27
C ARG B 654 -55.76 -9.23 -2.41
N THR B 655 -55.02 -9.45 -3.49
CA THR B 655 -54.37 -10.74 -3.70
C THR B 655 -53.23 -10.93 -2.71
N VAL B 656 -53.18 -12.10 -2.08
CA VAL B 656 -52.18 -12.40 -1.06
C VAL B 656 -51.44 -13.66 -1.47
N LEU B 657 -50.11 -13.61 -1.45
CA LEU B 657 -49.27 -14.78 -1.67
C LEU B 657 -48.35 -14.91 -0.47
N VAL B 658 -48.54 -15.96 0.33
CA VAL B 658 -47.79 -16.18 1.56
C VAL B 658 -46.88 -17.39 1.35
N ILE B 659 -45.60 -17.22 1.70
CA ILE B 659 -44.62 -18.28 1.57
C ILE B 659 -44.44 -18.93 2.94
N ALA B 660 -44.58 -20.25 2.99
CA ALA B 660 -44.50 -21.00 4.24
C ALA B 660 -43.52 -22.14 4.08
N HIS B 661 -42.87 -22.51 5.19
CA HIS B 661 -41.92 -23.61 5.17
C HIS B 661 -42.63 -24.96 5.21
N ARG B 662 -43.62 -25.10 6.09
CA ARG B 662 -44.34 -26.35 6.27
C ARG B 662 -45.80 -26.17 5.87
N LEU B 663 -46.39 -27.24 5.34
CA LEU B 663 -47.77 -27.18 4.88
C LEU B 663 -48.74 -26.98 6.04
N GLN B 664 -48.43 -27.53 7.21
CA GLN B 664 -49.32 -27.45 8.36
C GLN B 664 -49.42 -26.05 8.94
N THR B 665 -48.55 -25.12 8.54
CA THR B 665 -48.50 -23.81 9.15
C THR B 665 -49.56 -22.86 8.61
N VAL B 666 -50.18 -23.15 7.47
CA VAL B 666 -51.19 -22.25 6.93
C VAL B 666 -52.55 -22.93 6.80
N GLN B 667 -52.65 -23.93 5.92
CA GLN B 667 -53.77 -24.88 5.86
C GLN B 667 -55.13 -24.26 5.57
N ARG B 668 -55.21 -22.93 5.47
CA ARG B 668 -56.49 -22.27 5.22
C ARG B 668 -56.45 -21.48 3.91
N ALA B 669 -55.33 -21.55 3.20
CA ALA B 669 -55.25 -20.91 1.90
C ALA B 669 -56.19 -21.60 0.92
N HIS B 670 -56.89 -20.81 0.12
CA HIS B 670 -57.81 -21.37 -0.86
C HIS B 670 -57.06 -22.17 -1.92
N GLN B 671 -55.94 -21.64 -2.40
CA GLN B 671 -55.09 -22.33 -3.36
C GLN B 671 -53.75 -22.61 -2.71
N ILE B 672 -53.26 -23.84 -2.85
CA ILE B 672 -51.98 -24.24 -2.28
C ILE B 672 -51.12 -24.82 -3.39
N LEU B 673 -49.88 -24.35 -3.48
CA LEU B 673 -48.95 -24.81 -4.50
C LEU B 673 -47.68 -25.31 -3.84
N VAL B 674 -47.30 -26.53 -4.17
CA VAL B 674 -46.07 -27.14 -3.67
C VAL B 674 -45.03 -27.06 -4.77
N LEU B 675 -43.88 -26.46 -4.48
CA LEU B 675 -42.82 -26.29 -5.45
C LEU B 675 -41.63 -27.14 -5.01
N GLN B 676 -41.32 -28.16 -5.82
CA GLN B 676 -40.16 -29.01 -5.60
C GLN B 676 -39.25 -28.90 -6.82
N GLU B 677 -37.95 -28.70 -6.57
CA GLU B 677 -36.89 -28.58 -7.57
C GLU B 677 -37.29 -27.73 -8.77
N GLY B 678 -38.04 -26.66 -8.54
CA GLY B 678 -38.46 -25.80 -9.62
C GLY B 678 -39.66 -26.29 -10.40
N LYS B 679 -40.42 -27.23 -9.84
CA LYS B 679 -41.60 -27.76 -10.50
C LYS B 679 -42.79 -27.71 -9.55
N LEU B 680 -43.94 -27.30 -10.08
CA LEU B 680 -45.16 -27.28 -9.29
C LEU B 680 -45.72 -28.69 -9.14
N GLN B 681 -46.50 -28.89 -8.08
CA GLN B 681 -47.11 -30.18 -7.83
C GLN B 681 -48.63 -30.11 -7.95
PG ATP C . -0.50 -35.88 10.20
O1G ATP C . 0.41 -34.72 10.02
O2G ATP C . -1.35 -36.21 8.97
O3G ATP C . -1.43 -35.76 11.42
PB ATP C . 1.08 -37.96 11.66
O1B ATP C . 0.49 -39.29 11.91
O2B ATP C . 2.57 -37.93 11.35
O3B ATP C . 0.34 -37.21 10.47
PA ATP C . 1.61 -35.77 13.56
O1A ATP C . 1.88 -34.67 12.59
O2A ATP C . 2.84 -36.36 14.23
O3A ATP C . 0.84 -36.96 12.87
O5' ATP C . 0.63 -35.28 14.69
C5' ATP C . 1.03 -34.27 15.65
C4' ATP C . -0.20 -33.74 16.35
O4' ATP C . 0.07 -32.43 16.87
C3' ATP C . -1.43 -33.57 15.47
O3' ATP C . -2.62 -33.66 16.23
C2' ATP C . -1.22 -32.17 14.91
O2' ATP C . -2.46 -31.56 14.54
C1' ATP C . -0.60 -31.45 16.10
N9 ATP C . 0.36 -30.42 15.73
C8 ATP C . 1.23 -30.44 14.66
N7 ATP C . 1.98 -29.37 14.57
C5 ATP C . 1.59 -28.59 15.65
C6 ATP C . 2.01 -27.33 16.10
N6 ATP C . 2.96 -26.60 15.51
N1 ATP C . 1.41 -26.83 17.20
C2 ATP C . 0.46 -27.56 17.80
N3 ATP C . -0.02 -28.76 17.46
C4 ATP C . 0.59 -29.23 16.36
PG ATP D . -34.85 -19.86 1.38
O1G ATP D . -35.62 -19.80 2.66
O2G ATP D . -33.54 -20.63 1.49
O3G ATP D . -34.59 -18.50 0.75
PB ATP D . -36.15 -20.49 -1.24
O1B ATP D . -36.91 -19.25 -1.46
O2B ATP D . -36.86 -21.79 -1.63
O3B ATP D . -35.69 -20.65 0.27
PA ATP D . -33.81 -19.38 -2.63
O1A ATP D . -32.96 -18.72 -1.61
O2A ATP D . -34.71 -18.43 -3.44
O3A ATP D . -34.75 -20.47 -1.99
O5' ATP D . -32.95 -20.21 -3.66
C5' ATP D . -32.86 -19.82 -5.04
C4' ATP D . -31.84 -20.70 -5.74
O4' ATP D . -30.95 -19.86 -6.50
C3' ATP D . -30.93 -21.49 -4.82
O3' ATP D . -30.41 -22.63 -5.49
C2' ATP D . -29.83 -20.48 -4.49
O2' ATP D . -28.59 -21.11 -4.21
C1' ATP D . -29.73 -19.68 -5.80
N9 ATP D . -29.53 -18.24 -5.59
C8 ATP D . -30.11 -17.46 -4.64
N7 ATP D . -29.74 -16.20 -4.69
C5 ATP D . -28.85 -16.15 -5.75
C6 ATP D . -28.11 -15.12 -6.32
N6 ATP D . -28.14 -13.84 -5.89
N1 ATP D . -27.32 -15.42 -7.38
C2 ATP D . -27.28 -16.67 -7.83
N3 ATP D . -27.94 -17.73 -7.36
C4 ATP D . -28.71 -17.41 -6.32
#